data_4XKY
#
_entry.id   4XKY
#
_cell.length_a   67.903
_cell.length_b   91.988
_cell.length_c   208.559
_cell.angle_alpha   90.00
_cell.angle_beta   90.00
_cell.angle_gamma   90.00
#
_symmetry.space_group_name_H-M   'P 21 21 21'
#
loop_
_entity.id
_entity.type
_entity.pdbx_description
1 polymer 'Dihydrodipicolinate synthase'
2 polymer 'Dihydrodipicolinate synthase'
3 non-polymer 'ACETATE ION'
4 non-polymer 'SODIUM ION'
5 water water
#
loop_
_entity_poly.entity_id
_entity_poly.type
_entity_poly.pdbx_seq_one_letter_code
_entity_poly.pdbx_strand_id
1 'polypeptide(L)'
;(MHO)NIPLSGIIPPLVTPLLDDDVLDVEGLQRLIEHLIAGGVHALFVLGTTGESQSLSYKLRMEMIKNTCRIAKGRLPV
LVCISDTSIVESVNLACLAADHGADAVVSAPPYYFATGQPELIEFYEHLLPQLPLPLFLYNMPTHTKVNFAPATIQRIAE
NPGVIGFKDSSANTVYFQSVMYAMKDNPDFSMLVGPEEIMAESVLLGAHGGVNGGANMFPELYVSLYNAAKNADMEEVRR
LQEKVMQISATIYTVGQHGSSYLKGLKCALSLLGICSDYVAAPFHKFEQRERGKIWKALQNLGV
;
A
2 'polypeptide(L)'
;MNIPLSGIIPPLVTPLLDDDVLDVEGLQRLIEHLIAGGVHALFVLGTTGESQSLSYKLRMEMIKNTCRIAKGRLPVLVCI
SDTSIVESVNLACLAADHGADAVVSAPPYYFATGQPELIEFYEHLLPQLPLPLFLYNMPTHTKVNFAPATIQRIAENPGV
IGFKDSSANTVYFQSVMYAMKDNPDFSMLVGPEEIMAESVLLGAHGGVNGGANMFPELYVSLYNAAKNADMEEVRRLQEK
VMQISATIYTVGQHGSSYLKGLKCALSLLGICSDYVAAPFHKFEQRERGKIWKALQNLGV
;
B,C,D
#
# COMPACT_ATOMS: atom_id res chain seq x y z
N ASN A 2 22.32 -28.13 15.13
CA ASN A 2 21.96 -27.90 16.55
C ASN A 2 20.54 -27.38 16.65
N ILE A 3 19.80 -27.91 17.62
CA ILE A 3 18.41 -27.56 17.78
C ILE A 3 18.26 -26.96 19.17
N PRO A 4 17.82 -25.70 19.28
CA PRO A 4 17.50 -24.72 18.24
C PRO A 4 18.75 -24.09 17.67
N LEU A 5 18.73 -23.77 16.37
CA LEU A 5 19.82 -23.02 15.76
C LEU A 5 19.85 -21.63 16.37
N SER A 6 21.04 -21.26 16.84
CA SER A 6 21.23 -20.00 17.57
C SER A 6 22.46 -19.23 17.12
N GLY A 7 22.55 -17.97 17.55
CA GLY A 7 23.70 -17.13 17.24
C GLY A 7 23.57 -16.27 15.99
N ILE A 8 24.71 -16.05 15.35
CA ILE A 8 24.82 -15.19 14.21
C ILE A 8 24.87 -16.09 12.99
N ILE A 9 23.92 -15.90 12.08
CA ILE A 9 23.82 -16.66 10.85
C ILE A 9 23.79 -15.68 9.69
N PRO A 10 24.96 -15.29 9.18
CA PRO A 10 25.02 -14.29 8.12
C PRO A 10 24.36 -14.76 6.86
N PRO A 11 23.52 -13.90 6.28
CA PRO A 11 23.02 -14.06 4.92
C PRO A 11 24.16 -13.64 3.99
N LEU A 12 24.85 -14.63 3.45
CA LEU A 12 25.98 -14.34 2.57
C LEU A 12 25.57 -13.53 1.35
N VAL A 13 26.43 -12.59 0.95
CA VAL A 13 26.36 -12.01 -0.37
C VAL A 13 26.74 -13.13 -1.34
N THR A 14 26.25 -13.01 -2.58
CA THR A 14 26.63 -13.88 -3.66
C THR A 14 27.69 -13.08 -4.41
N PRO A 15 28.98 -13.37 -4.17
CA PRO A 15 30.03 -12.58 -4.84
C PRO A 15 30.08 -12.93 -6.30
N LEU A 16 30.20 -11.89 -7.12
CA LEU A 16 30.12 -11.96 -8.57
C LEU A 16 31.34 -11.33 -9.24
N LEU A 17 31.76 -11.92 -10.36
CA LEU A 17 32.72 -11.25 -11.26
C LEU A 17 31.99 -10.50 -12.35
N ASP A 18 30.78 -10.96 -12.65
CA ASP A 18 29.94 -10.32 -13.68
C ASP A 18 28.50 -10.72 -13.38
N ASP A 19 27.56 -10.20 -14.15
CA ASP A 19 26.14 -10.36 -13.85
C ASP A 19 25.79 -11.84 -13.68
N ASP A 20 26.42 -12.71 -14.45
CA ASP A 20 26.11 -14.13 -14.40
C ASP A 20 27.34 -14.98 -14.14
N VAL A 21 28.34 -14.45 -13.43
CA VAL A 21 29.60 -15.20 -13.19
C VAL A 21 29.90 -15.11 -11.72
N LEU A 22 30.05 -16.25 -11.07
CA LEU A 22 30.32 -16.32 -9.64
C LEU A 22 31.80 -16.03 -9.35
N ASP A 23 32.07 -15.21 -8.33
CA ASP A 23 33.43 -14.95 -7.82
C ASP A 23 33.81 -16.02 -6.80
N VAL A 24 34.36 -17.11 -7.29
CA VAL A 24 34.63 -18.27 -6.41
C VAL A 24 35.70 -17.97 -5.39
N GLU A 25 36.76 -17.28 -5.81
CA GLU A 25 37.84 -16.99 -4.90
C GLU A 25 37.39 -16.06 -3.78
N GLY A 26 36.60 -15.05 -4.13
CA GLY A 26 36.00 -14.17 -3.13
C GLY A 26 35.10 -14.92 -2.18
N LEU A 27 34.28 -15.82 -2.71
CA LEU A 27 33.39 -16.62 -1.88
C LEU A 27 34.16 -17.48 -0.86
N GLN A 28 35.26 -18.10 -1.29
CA GLN A 28 36.13 -18.82 -0.36
C GLN A 28 36.68 -17.90 0.72
N ARG A 29 37.21 -16.75 0.34
CA ARG A 29 37.69 -15.80 1.35
C ARG A 29 36.56 -15.40 2.28
N LEU A 30 35.36 -15.15 1.74
CA LEU A 30 34.23 -14.72 2.56
C LEU A 30 33.89 -15.79 3.59
N ILE A 31 33.78 -17.04 3.14
CA ILE A 31 33.40 -18.12 4.03
C ILE A 31 34.46 -18.43 5.10
N GLU A 32 35.74 -18.40 4.74
CA GLU A 32 36.79 -18.56 5.74
C GLU A 32 36.70 -17.43 6.76
N HIS A 33 36.47 -16.21 6.29
CA HIS A 33 36.37 -15.02 7.17
C HIS A 33 35.20 -15.17 8.15
N LEU A 34 34.08 -15.71 7.69
CA LEU A 34 32.94 -15.91 8.59
C LEU A 34 33.20 -17.01 9.60
N ILE A 35 33.80 -18.11 9.16
CA ILE A 35 34.05 -19.23 10.06
C ILE A 35 35.00 -18.81 11.18
N ALA A 36 36.13 -18.21 10.80
CA ALA A 36 37.11 -17.73 11.76
C ALA A 36 36.50 -16.67 12.67
N GLY A 37 35.48 -15.99 12.18
CA GLY A 37 34.84 -14.93 12.95
C GLY A 37 33.84 -15.43 13.98
N GLY A 38 33.62 -16.74 14.02
CA GLY A 38 32.78 -17.34 15.04
C GLY A 38 31.30 -17.45 14.72
N VAL A 39 30.88 -17.26 13.48
CA VAL A 39 29.45 -17.37 13.19
C VAL A 39 28.98 -18.84 13.33
N HIS A 40 27.69 -19.05 13.44
CA HIS A 40 27.16 -20.40 13.71
C HIS A 40 26.54 -21.09 12.52
N ALA A 41 26.30 -20.38 11.45
CA ALA A 41 25.79 -21.01 10.24
C ALA A 41 25.95 -20.06 9.10
N LEU A 42 25.76 -20.56 7.89
CA LEU A 42 25.77 -19.79 6.67
C LEU A 42 24.42 -19.89 5.99
N PHE A 43 23.87 -18.75 5.60
CA PHE A 43 22.59 -18.68 4.96
C PHE A 43 22.80 -18.16 3.55
N VAL A 44 22.53 -19.01 2.56
CA VAL A 44 22.73 -18.57 1.18
C VAL A 44 21.43 -18.32 0.44
N LEU A 45 21.55 -17.41 -0.53
CA LEU A 45 20.49 -16.98 -1.42
C LEU A 45 19.35 -16.22 -0.74
N GLY A 46 19.62 -15.56 0.37
CA GLY A 46 18.66 -14.62 0.93
C GLY A 46 18.63 -13.37 0.04
N THR A 47 17.87 -12.36 0.48
CA THR A 47 17.81 -11.01 -0.13
C THR A 47 19.19 -10.36 -0.30
N THR A 48 19.98 -10.44 0.75
CA THR A 48 21.38 -10.03 0.72
C THR A 48 22.24 -10.74 -0.36
N GLY A 49 21.86 -11.98 -0.67
CA GLY A 49 22.49 -12.81 -1.73
C GLY A 49 21.92 -12.58 -3.12
N GLU A 50 21.03 -11.58 -3.26
CA GLU A 50 20.46 -11.19 -4.58
C GLU A 50 19.73 -12.37 -5.29
N SER A 51 19.08 -13.28 -4.57
CA SER A 51 18.68 -14.55 -5.25
C SER A 51 17.72 -14.33 -6.43
N GLN A 52 16.72 -13.49 -6.22
CA GLN A 52 15.71 -13.25 -7.24
C GLN A 52 16.32 -12.73 -8.55
N SER A 53 17.36 -11.89 -8.46
CA SER A 53 17.89 -11.20 -9.64
C SER A 53 18.97 -12.00 -10.39
N LEU A 54 19.38 -13.12 -9.81
CA LEU A 54 20.37 -14.02 -10.40
C LEU A 54 19.70 -15.11 -11.21
N SER A 55 20.40 -15.58 -12.24
CA SER A 55 19.92 -16.69 -13.03
C SER A 55 19.86 -17.98 -12.18
N TYR A 56 19.08 -18.94 -12.65
CA TYR A 56 19.01 -20.25 -11.99
C TYR A 56 20.36 -20.90 -11.92
N LYS A 57 21.12 -20.84 -13.00
CA LYS A 57 22.46 -21.38 -13.00
C LYS A 57 23.30 -20.81 -11.87
N LEU A 58 23.27 -19.49 -11.72
CA LEU A 58 24.11 -18.87 -10.70
C LEU A 58 23.67 -19.23 -9.30
N ARG A 59 22.37 -19.28 -9.06
CA ARG A 59 21.86 -19.73 -7.78
C ARG A 59 22.39 -21.17 -7.50
N MET A 60 22.39 -22.03 -8.49
CA MET A 60 22.90 -23.41 -8.28
C MET A 60 24.39 -23.43 -7.98
N GLU A 61 25.16 -22.63 -8.68
CA GLU A 61 26.59 -22.53 -8.41
C GLU A 61 26.89 -21.99 -7.01
N MET A 62 26.08 -21.04 -6.53
CA MET A 62 26.30 -20.52 -5.21
C MET A 62 26.10 -21.62 -4.18
N ILE A 63 25.02 -22.39 -4.33
CA ILE A 63 24.75 -23.49 -3.43
C ILE A 63 25.88 -24.52 -3.43
N LYS A 64 26.25 -24.99 -4.63
CA LYS A 64 27.28 -26.01 -4.76
C LYS A 64 28.61 -25.53 -4.19
N ASN A 65 29.12 -24.40 -4.65
CA ASN A 65 30.38 -23.89 -4.08
C ASN A 65 30.33 -23.64 -2.58
N THR A 66 29.21 -23.10 -2.07
CA THR A 66 29.14 -22.82 -0.63
C THR A 66 29.25 -24.15 0.20
N CYS A 67 28.55 -25.19 -0.23
CA CYS A 67 28.61 -26.47 0.48
C CYS A 67 30.02 -27.07 0.34
N ARG A 68 30.60 -27.02 -0.85
CA ARG A 68 31.95 -27.54 -1.07
C ARG A 68 32.95 -26.86 -0.14
N ILE A 69 32.90 -25.53 -0.11
CA ILE A 69 33.89 -24.75 0.63
C ILE A 69 33.72 -24.89 2.14
N ALA A 70 32.49 -24.90 2.61
CA ALA A 70 32.24 -25.04 4.04
C ALA A 70 32.72 -26.37 4.58
N LYS A 71 32.68 -27.43 3.76
CA LYS A 71 33.24 -28.74 4.12
C LYS A 71 32.69 -29.23 5.44
N GLY A 72 31.39 -29.14 5.64
CA GLY A 72 30.76 -29.62 6.90
C GLY A 72 31.10 -28.90 8.20
N ARG A 73 31.98 -27.90 8.16
CA ARG A 73 32.38 -27.18 9.39
C ARG A 73 31.27 -26.39 10.09
N LEU A 74 30.18 -26.11 9.35
CA LEU A 74 29.10 -25.25 9.81
C LEU A 74 27.81 -25.61 9.07
N PRO A 75 26.66 -25.56 9.74
CA PRO A 75 25.41 -25.77 8.99
C PRO A 75 25.23 -24.75 7.83
N VAL A 76 24.83 -25.27 6.68
CA VAL A 76 24.41 -24.46 5.55
C VAL A 76 22.89 -24.47 5.35
N LEU A 77 22.31 -23.28 5.38
CA LEU A 77 20.89 -23.03 5.11
C LEU A 77 20.75 -22.42 3.73
N VAL A 78 19.80 -22.91 2.96
CA VAL A 78 19.62 -22.48 1.58
C VAL A 78 18.22 -21.92 1.41
N CYS A 79 18.14 -20.68 0.94
CA CYS A 79 16.86 -20.11 0.55
C CYS A 79 16.42 -20.72 -0.77
N ILE A 80 15.25 -21.36 -0.73
CA ILE A 80 14.66 -22.01 -1.90
C ILE A 80 13.43 -21.28 -2.47
N SER A 81 13.07 -20.12 -1.92
CA SER A 81 11.87 -19.39 -2.39
C SER A 81 11.99 -19.08 -3.88
N ASP A 82 10.89 -19.24 -4.58
CA ASP A 82 10.85 -19.03 -6.02
C ASP A 82 9.39 -18.89 -6.36
N THR A 83 9.08 -18.19 -7.44
CA THR A 83 7.69 -18.07 -7.83
C THR A 83 7.18 -19.42 -8.31
N SER A 84 8.08 -20.28 -8.81
CA SER A 84 7.72 -21.65 -9.24
C SER A 84 8.06 -22.69 -8.19
N ILE A 85 7.05 -23.44 -7.74
CA ILE A 85 7.25 -24.48 -6.76
C ILE A 85 8.12 -25.60 -7.33
N VAL A 86 7.96 -25.91 -8.60
CA VAL A 86 8.83 -26.90 -9.22
C VAL A 86 10.29 -26.46 -9.07
N GLU A 87 10.59 -25.19 -9.37
CA GLU A 87 11.96 -24.69 -9.26
C GLU A 87 12.46 -24.68 -7.81
N SER A 88 11.58 -24.29 -6.89
CA SER A 88 11.91 -24.31 -5.49
C SER A 88 12.29 -25.73 -4.97
N VAL A 89 11.48 -26.73 -5.32
CA VAL A 89 11.76 -28.10 -4.93
C VAL A 89 13.10 -28.55 -5.55
N ASN A 90 13.37 -28.18 -6.79
CA ASN A 90 14.63 -28.54 -7.43
C ASN A 90 15.84 -27.96 -6.67
N LEU A 91 15.73 -26.74 -6.16
CA LEU A 91 16.84 -26.15 -5.42
C LEU A 91 17.04 -26.87 -4.11
N ALA A 92 15.93 -27.22 -3.45
CA ALA A 92 15.99 -28.00 -2.21
C ALA A 92 16.72 -29.33 -2.44
N CYS A 93 16.37 -30.08 -3.49
CA CYS A 93 17.05 -31.35 -3.79
C CYS A 93 18.54 -31.18 -4.09
N LEU A 94 18.87 -30.12 -4.80
CA LEU A 94 20.25 -29.78 -5.09
C LEU A 94 20.98 -29.49 -3.77
N ALA A 95 20.39 -28.64 -2.95
CA ALA A 95 20.90 -28.40 -1.60
C ALA A 95 21.15 -29.70 -0.84
N ALA A 96 20.18 -30.61 -0.81
CA ALA A 96 20.40 -31.89 -0.12
C ALA A 96 21.56 -32.70 -0.69
N ASP A 97 21.61 -32.85 -2.00
CA ASP A 97 22.68 -33.63 -2.65
C ASP A 97 24.08 -33.10 -2.34
N HIS A 98 24.17 -31.80 -2.14
CA HIS A 98 25.46 -31.20 -1.84
C HIS A 98 25.78 -31.03 -0.36
N GLY A 99 24.91 -31.55 0.50
CA GLY A 99 25.19 -31.61 1.92
C GLY A 99 24.73 -30.40 2.73
N ALA A 100 23.81 -29.59 2.21
CA ALA A 100 23.26 -28.50 3.02
C ALA A 100 22.44 -29.13 4.13
N ASP A 101 22.14 -28.37 5.18
CA ASP A 101 21.44 -28.86 6.35
C ASP A 101 19.99 -28.46 6.47
N ALA A 102 19.61 -27.36 5.82
CA ALA A 102 18.25 -26.93 5.91
C ALA A 102 17.92 -26.01 4.76
N VAL A 103 16.62 -25.83 4.53
CA VAL A 103 16.14 -24.92 3.53
C VAL A 103 15.26 -23.87 4.21
N VAL A 104 15.15 -22.73 3.55
CA VAL A 104 14.44 -21.56 4.07
C VAL A 104 13.45 -21.16 2.99
N SER A 105 12.20 -20.95 3.36
CA SER A 105 11.17 -20.75 2.36
C SER A 105 10.13 -19.73 2.75
N ALA A 106 9.83 -18.83 1.83
CA ALA A 106 8.68 -17.93 1.91
C ALA A 106 7.72 -18.30 0.81
N PRO A 107 6.42 -18.17 1.06
CA PRO A 107 5.51 -18.41 -0.05
C PRO A 107 5.64 -17.28 -1.08
N PRO A 108 5.36 -17.58 -2.35
CA PRO A 108 5.55 -16.61 -3.41
C PRO A 108 4.64 -15.40 -3.20
N TYR A 109 5.08 -14.21 -3.60
CA TYR A 109 4.35 -12.98 -3.21
C TYR A 109 2.87 -12.96 -3.59
N TYR A 110 2.56 -13.45 -4.79
CA TYR A 110 1.19 -13.37 -5.31
C TYR A 110 0.22 -14.24 -4.53
N PHE A 111 0.71 -15.28 -3.88
CA PHE A 111 -0.17 -16.38 -3.51
C PHE A 111 -1.15 -16.06 -2.38
N ALA A 112 -0.61 -15.73 -1.22
CA ALA A 112 -1.40 -15.71 0.02
C ALA A 112 -2.64 -14.80 -0.02
N THR A 113 -3.82 -15.41 0.10
CA THR A 113 -5.05 -14.67 0.34
C THR A 113 -5.25 -14.58 1.85
N GLY A 114 -5.15 -15.73 2.51
CA GLY A 114 -5.46 -15.83 3.93
C GLY A 114 -4.60 -16.85 4.66
N GLN A 115 -4.87 -17.00 5.95
CA GLN A 115 -4.15 -17.96 6.79
C GLN A 115 -4.39 -19.41 6.35
N PRO A 116 -5.66 -19.80 6.08
CA PRO A 116 -5.88 -21.19 5.66
C PRO A 116 -5.05 -21.58 4.43
N GLU A 117 -4.88 -20.67 3.48
CA GLU A 117 -4.07 -20.93 2.29
C GLU A 117 -2.57 -21.03 2.56
N LEU A 118 -2.06 -20.25 3.52
CA LEU A 118 -0.66 -20.39 3.91
C LEU A 118 -0.39 -21.77 4.49
N ILE A 119 -1.34 -22.28 5.27
CA ILE A 119 -1.16 -23.57 5.93
C ILE A 119 -1.14 -24.64 4.86
N GLU A 120 -2.04 -24.52 3.89
CA GLU A 120 -2.14 -25.56 2.86
C GLU A 120 -0.92 -25.52 1.94
N PHE A 121 -0.38 -24.33 1.69
CA PHE A 121 0.85 -24.21 0.90
C PHE A 121 1.95 -25.07 1.49
N TYR A 122 2.20 -24.89 2.78
CA TYR A 122 3.24 -25.67 3.46
C TYR A 122 2.89 -27.13 3.61
N GLU A 123 1.61 -27.45 3.77
CA GLU A 123 1.20 -28.85 3.82
C GLU A 123 1.49 -29.59 2.52
N HIS A 124 1.30 -28.93 1.38
CA HIS A 124 1.66 -29.53 0.09
C HIS A 124 3.18 -29.48 -0.18
N LEU A 125 3.87 -28.46 0.35
CA LEU A 125 5.30 -28.33 0.07
C LEU A 125 6.10 -29.39 0.84
N LEU A 126 5.76 -29.55 2.12
CA LEU A 126 6.61 -30.31 3.05
C LEU A 126 6.96 -31.73 2.63
N PRO A 127 5.98 -32.53 2.15
CA PRO A 127 6.34 -33.89 1.72
C PRO A 127 7.36 -33.94 0.57
N GLN A 128 7.50 -32.84 -0.15
CA GLN A 128 8.39 -32.79 -1.31
C GLN A 128 9.81 -32.40 -0.97
N LEU A 129 10.08 -31.97 0.27
CA LEU A 129 11.40 -31.42 0.63
C LEU A 129 12.25 -32.48 1.33
N PRO A 130 13.54 -32.55 1.02
CA PRO A 130 14.41 -33.55 1.64
C PRO A 130 15.23 -33.03 2.84
N LEU A 131 14.96 -31.82 3.30
CA LEU A 131 15.66 -31.23 4.45
C LEU A 131 14.69 -30.49 5.36
N PRO A 132 15.07 -30.27 6.63
CA PRO A 132 14.23 -29.46 7.52
C PRO A 132 14.03 -28.06 6.96
N LEU A 133 12.96 -27.40 7.39
CA LEU A 133 12.57 -26.15 6.81
C LEU A 133 12.50 -25.04 7.84
N PHE A 134 12.97 -23.85 7.46
CA PHE A 134 12.69 -22.60 8.18
C PHE A 134 11.67 -21.82 7.36
N LEU A 135 10.63 -21.35 8.04
CA LEU A 135 9.63 -20.48 7.43
C LEU A 135 10.15 -19.06 7.46
N TYR A 136 9.86 -18.29 6.42
CA TYR A 136 10.18 -16.88 6.54
C TYR A 136 9.19 -15.91 5.97
N ASN A 137 9.04 -14.85 6.74
CA ASN A 137 8.06 -13.83 6.50
C ASN A 137 8.66 -12.83 5.53
N MET A 138 8.18 -12.84 4.28
CA MET A 138 8.76 -12.02 3.21
C MET A 138 8.59 -10.54 3.55
N PRO A 139 9.69 -9.77 3.46
CA PRO A 139 9.71 -8.39 3.96
C PRO A 139 8.74 -7.42 3.29
N THR A 140 8.58 -7.50 1.97
CA THR A 140 7.89 -6.44 1.25
C THR A 140 6.67 -6.92 0.47
N HIS A 141 6.83 -8.01 -0.27
CA HIS A 141 5.88 -8.36 -1.31
C HIS A 141 4.48 -8.74 -0.81
N THR A 142 4.42 -9.71 0.10
CA THR A 142 3.19 -10.50 0.34
C THR A 142 1.93 -9.69 0.68
N LYS A 143 2.05 -8.71 1.57
CA LYS A 143 0.87 -8.00 2.10
C LYS A 143 -0.05 -8.89 2.98
N VAL A 144 0.48 -10.04 3.44
CA VAL A 144 -0.22 -10.97 4.37
C VAL A 144 0.83 -11.80 5.11
N ASN A 145 0.96 -11.56 6.40
CA ASN A 145 1.94 -12.27 7.23
C ASN A 145 1.48 -13.67 7.65
N PHE A 146 2.44 -14.48 8.09
CA PHE A 146 2.11 -15.65 8.87
C PHE A 146 1.54 -15.11 10.19
N ALA A 147 0.27 -15.36 10.47
CA ALA A 147 -0.29 -15.06 11.79
C ALA A 147 0.38 -15.96 12.83
N PRO A 148 0.38 -15.54 14.11
CA PRO A 148 0.98 -16.36 15.16
C PRO A 148 0.44 -17.77 15.21
N ALA A 149 -0.89 -17.93 15.21
CA ALA A 149 -1.49 -19.25 15.30
C ALA A 149 -1.09 -20.12 14.09
N THR A 150 -0.95 -19.49 12.92
CA THR A 150 -0.52 -20.18 11.69
C THR A 150 0.88 -20.77 11.88
N ILE A 151 1.78 -20.00 12.48
CA ILE A 151 3.12 -20.48 12.75
C ILE A 151 3.10 -21.62 13.75
N GLN A 152 2.30 -21.50 14.81
CA GLN A 152 2.10 -22.61 15.76
C GLN A 152 1.73 -23.87 15.02
N ARG A 153 0.73 -23.71 14.16
CA ARG A 153 0.15 -24.83 13.43
C ARG A 153 1.13 -25.51 12.46
N ILE A 154 1.91 -24.73 11.72
CA ILE A 154 2.83 -25.31 10.72
C ILE A 154 4.00 -25.95 11.45
N ALA A 155 4.38 -25.35 12.56
CA ALA A 155 5.50 -25.85 13.36
C ALA A 155 5.27 -27.19 14.05
N GLU A 156 4.04 -27.69 14.08
CA GLU A 156 3.79 -29.05 14.58
C GLU A 156 4.48 -30.08 13.70
N ASN A 157 4.56 -29.79 12.40
CA ASN A 157 5.23 -30.71 11.47
C ASN A 157 6.68 -30.83 11.89
N PRO A 158 7.16 -32.06 12.09
CA PRO A 158 8.57 -32.20 12.49
C PRO A 158 9.55 -31.71 11.42
N GLY A 159 9.10 -31.60 10.18
CA GLY A 159 9.93 -31.08 9.10
C GLY A 159 10.15 -29.57 9.09
N VAL A 160 9.52 -28.86 10.02
CA VAL A 160 9.58 -27.40 10.12
C VAL A 160 10.28 -27.05 11.44
N ILE A 161 11.45 -26.41 11.39
CA ILE A 161 12.26 -26.25 12.63
C ILE A 161 12.49 -24.82 13.05
N GLY A 162 12.01 -23.85 12.28
CA GLY A 162 12.26 -22.49 12.67
C GLY A 162 11.54 -21.46 11.85
N PHE A 163 11.82 -20.22 12.21
CA PHE A 163 11.16 -19.07 11.65
C PHE A 163 12.15 -17.90 11.66
N LYS A 164 12.20 -17.18 10.53
CA LYS A 164 13.06 -16.00 10.33
C LYS A 164 12.09 -14.86 9.99
N ASP A 165 12.20 -13.75 10.70
CA ASP A 165 11.42 -12.55 10.41
C ASP A 165 12.30 -11.42 9.92
N SER A 166 11.99 -10.94 8.73
CA SER A 166 12.67 -9.80 8.12
C SER A 166 11.81 -8.51 8.12
N SER A 167 10.58 -8.50 8.69
N SER A 167 10.61 -8.64 8.64
CA SER A 167 9.62 -7.33 8.58
CA SER A 167 9.86 -7.49 9.00
C SER A 167 10.08 -6.04 9.25
C SER A 167 10.64 -6.85 10.15
N ALA A 168 10.80 -6.21 10.36
N ALA A 168 10.58 -5.54 10.18
CA ALA A 168 11.31 -5.10 11.17
CA ALA A 168 11.25 -4.77 11.21
C ALA A 168 10.26 -4.60 12.21
C ALA A 168 10.26 -4.59 12.35
N ASN A 169 9.12 -5.29 12.25
CA ASN A 169 8.01 -5.07 13.17
C ASN A 169 8.10 -5.96 14.40
N THR A 170 8.52 -5.38 15.53
CA THR A 170 8.78 -6.17 16.72
C THR A 170 7.57 -6.44 17.60
N VAL A 171 6.48 -5.72 17.37
CA VAL A 171 5.21 -6.09 17.97
C VAL A 171 4.83 -7.46 17.42
N TYR A 172 4.88 -7.57 16.10
CA TYR A 172 4.58 -8.82 15.40
C TYR A 172 5.53 -9.93 15.84
N PHE A 173 6.82 -9.64 15.90
CA PHE A 173 7.78 -10.67 16.30
C PHE A 173 7.53 -11.20 17.72
N GLN A 174 7.22 -10.30 18.66
CA GLN A 174 6.92 -10.67 20.04
C GLN A 174 5.61 -11.49 20.11
N SER A 175 4.64 -11.16 19.26
CA SER A 175 3.41 -11.96 19.19
C SER A 175 3.71 -13.41 18.81
N VAL A 176 4.68 -13.63 17.92
CA VAL A 176 5.04 -14.98 17.47
C VAL A 176 5.87 -15.66 18.56
N MET A 177 6.84 -14.95 19.16
CA MET A 177 7.53 -15.48 20.36
C MET A 177 6.50 -16.01 21.38
N TYR A 178 5.50 -15.19 21.69
CA TYR A 178 4.54 -15.58 22.70
C TYR A 178 3.79 -16.84 22.27
N ALA A 179 3.34 -16.88 21.02
CA ALA A 179 2.68 -18.06 20.45
C ALA A 179 3.58 -19.32 20.44
N MET A 180 4.91 -19.14 20.37
CA MET A 180 5.83 -20.28 20.30
C MET A 180 6.56 -20.58 21.62
N LYS A 181 6.12 -19.94 22.70
CA LYS A 181 6.86 -19.99 23.97
C LYS A 181 6.93 -21.38 24.60
N ASP A 182 6.01 -22.27 24.25
CA ASP A 182 6.04 -23.65 24.75
C ASP A 182 6.73 -24.65 23.82
N ASN A 183 7.43 -24.14 22.81
CA ASN A 183 8.22 -24.98 21.93
C ASN A 183 9.61 -24.39 21.82
N PRO A 184 10.40 -24.48 22.91
CA PRO A 184 11.72 -23.85 22.96
C PRO A 184 12.73 -24.32 21.89
N ASP A 185 12.52 -25.52 21.36
CA ASP A 185 13.38 -26.07 20.32
C ASP A 185 13.26 -25.43 18.92
N PHE A 186 12.18 -24.67 18.71
CA PHE A 186 11.85 -24.04 17.42
C PHE A 186 12.60 -22.76 17.32
N SER A 187 13.39 -22.61 16.26
CA SER A 187 14.39 -21.57 16.23
C SER A 187 13.71 -20.28 15.75
N MET A 188 13.83 -19.22 16.53
CA MET A 188 13.23 -17.91 16.22
C MET A 188 14.34 -16.90 15.94
N LEU A 189 14.43 -16.47 14.69
CA LEU A 189 15.50 -15.61 14.20
C LEU A 189 15.02 -14.26 13.64
N VAL A 190 15.80 -13.22 13.86
N VAL A 190 15.87 -13.26 13.80
CA VAL A 190 15.48 -11.87 13.35
CA VAL A 190 15.57 -11.90 13.37
C VAL A 190 16.54 -11.45 12.33
C VAL A 190 16.57 -11.47 12.31
N GLY A 191 16.08 -10.95 11.18
CA GLY A 191 16.94 -10.57 10.08
C GLY A 191 17.65 -9.27 10.34
N PRO A 192 16.88 -8.20 10.57
CA PRO A 192 17.49 -6.88 10.60
C PRO A 192 18.41 -6.70 11.78
N GLU A 193 19.65 -6.30 11.50
CA GLU A 193 20.68 -6.30 12.54
C GLU A 193 20.48 -5.22 13.58
N GLU A 194 19.76 -4.15 13.23
CA GLU A 194 19.57 -3.04 14.15
C GLU A 194 18.74 -3.44 15.40
N ILE A 195 18.00 -4.53 15.31
CA ILE A 195 17.14 -4.97 16.41
C ILE A 195 17.47 -6.38 16.93
N MET A 196 18.65 -6.88 16.55
CA MET A 196 19.10 -8.18 17.00
C MET A 196 19.32 -8.18 18.49
N ALA A 197 20.01 -7.16 18.99
CA ALA A 197 20.34 -7.10 20.41
C ALA A 197 19.07 -7.06 21.25
N GLU A 198 18.10 -6.25 20.85
CA GLU A 198 16.92 -6.13 21.69
C GLU A 198 16.08 -7.41 21.61
N SER A 199 16.03 -8.03 20.43
CA SER A 199 15.25 -9.26 20.26
C SER A 199 15.92 -10.39 21.03
N VAL A 200 17.26 -10.47 20.99
CA VAL A 200 17.94 -11.54 21.72
C VAL A 200 17.78 -11.36 23.22
N LEU A 201 17.87 -10.12 23.70
CA LEU A 201 17.69 -9.85 25.13
C LEU A 201 16.42 -10.47 25.67
N LEU A 202 15.40 -10.45 24.84
CA LEU A 202 14.10 -11.03 25.16
C LEU A 202 13.91 -12.43 24.58
N GLY A 203 15.02 -13.14 24.37
CA GLY A 203 14.94 -14.58 24.07
C GLY A 203 14.93 -15.02 22.62
N ALA A 204 15.07 -14.13 21.64
CA ALA A 204 15.18 -14.60 20.27
C ALA A 204 16.42 -15.48 20.20
N HIS A 205 16.45 -16.48 19.31
CA HIS A 205 17.62 -17.39 19.24
C HIS A 205 18.83 -16.88 18.46
N GLY A 206 18.59 -16.03 17.47
CA GLY A 206 19.66 -15.54 16.61
C GLY A 206 19.32 -14.41 15.67
N GLY A 207 20.31 -14.02 14.90
CA GLY A 207 20.25 -12.85 14.02
C GLY A 207 20.80 -13.27 12.67
N VAL A 208 20.03 -13.09 11.62
CA VAL A 208 20.50 -13.39 10.28
C VAL A 208 20.95 -12.04 9.74
N ASN A 209 22.14 -11.61 10.19
CA ASN A 209 22.57 -10.24 10.01
C ASN A 209 23.63 -10.02 8.91
N GLY A 210 23.25 -9.25 7.91
CA GLY A 210 24.10 -9.01 6.75
C GLY A 210 25.43 -8.34 7.04
N GLY A 211 25.45 -7.47 8.04
CA GLY A 211 26.66 -6.79 8.45
C GLY A 211 27.72 -7.77 8.91
N ALA A 212 27.30 -8.99 9.26
CA ALA A 212 28.26 -10.00 9.72
C ALA A 212 29.15 -10.47 8.57
N ASN A 213 28.73 -10.26 7.32
CA ASN A 213 29.64 -10.47 6.18
C ASN A 213 30.95 -9.68 6.39
N MET A 214 30.87 -8.45 6.90
CA MET A 214 32.03 -7.57 7.01
C MET A 214 32.77 -7.81 8.34
N PHE A 215 32.01 -7.87 9.44
CA PHE A 215 32.56 -7.85 10.80
C PHE A 215 31.89 -8.92 11.65
N PRO A 216 32.18 -10.20 11.37
CA PRO A 216 31.48 -11.27 12.09
C PRO A 216 31.69 -11.19 13.60
N GLU A 217 32.90 -10.84 14.02
CA GLU A 217 33.19 -10.80 15.46
C GLU A 217 32.37 -9.79 16.23
N LEU A 218 32.17 -8.61 15.63
CA LEU A 218 31.34 -7.60 16.25
C LEU A 218 29.93 -8.15 16.49
N TYR A 219 29.35 -8.83 15.51
CA TYR A 219 27.96 -9.25 15.68
C TYR A 219 27.85 -10.44 16.63
N VAL A 220 28.84 -11.33 16.60
CA VAL A 220 28.91 -12.44 17.55
C VAL A 220 29.06 -11.92 18.96
N SER A 221 29.93 -10.93 19.14
CA SER A 221 30.09 -10.29 20.44
C SER A 221 28.83 -9.63 20.94
N LEU A 222 28.09 -8.97 20.06
CA LEU A 222 26.86 -8.34 20.48
C LEU A 222 25.80 -9.39 20.82
N TYR A 223 25.73 -10.45 20.02
CA TYR A 223 24.81 -11.55 20.30
C TYR A 223 25.01 -12.12 21.72
N ASN A 224 26.27 -12.37 22.06
CA ASN A 224 26.67 -12.93 23.37
C ASN A 224 26.40 -12.00 24.56
N ALA A 225 26.68 -10.70 24.36
CA ALA A 225 26.34 -9.67 25.33
C ALA A 225 24.83 -9.56 25.52
N ALA A 226 24.04 -9.71 24.44
CA ALA A 226 22.55 -9.65 24.59
C ALA A 226 22.05 -10.90 25.30
N LYS A 227 22.66 -12.02 24.96
CA LYS A 227 22.32 -13.33 25.51
C LYS A 227 22.48 -13.37 26.99
N ASN A 228 23.59 -12.82 27.45
CA ASN A 228 23.94 -12.82 28.85
C ASN A 228 23.52 -11.55 29.56
N ALA A 229 22.82 -10.65 28.84
CA ALA A 229 22.38 -9.40 29.44
C ALA A 229 23.56 -8.62 30.05
N ASP A 230 24.70 -8.64 29.38
CA ASP A 230 25.81 -7.73 29.72
C ASP A 230 25.52 -6.34 29.10
N MET A 231 24.80 -5.53 29.87
CA MET A 231 24.20 -4.32 29.34
C MET A 231 25.18 -3.25 28.86
N GLU A 232 26.27 -3.02 29.59
CA GLU A 232 27.29 -2.03 29.19
C GLU A 232 27.85 -2.35 27.81
N GLU A 233 28.13 -3.64 27.62
CA GLU A 233 28.63 -4.15 26.36
C GLU A 233 27.56 -4.15 25.25
N VAL A 234 26.32 -4.51 25.57
CA VAL A 234 25.21 -4.34 24.61
C VAL A 234 25.19 -2.88 24.10
N ARG A 235 25.22 -1.93 25.03
CA ARG A 235 25.20 -0.51 24.63
C ARG A 235 26.40 -0.09 23.78
N ARG A 236 27.59 -0.53 24.15
CA ARG A 236 28.79 -0.16 23.42
C ARG A 236 28.74 -0.68 21.99
N LEU A 237 28.36 -1.96 21.88
CA LEU A 237 28.35 -2.64 20.58
C LEU A 237 27.16 -2.25 19.73
N GLN A 238 26.01 -2.01 20.35
CA GLN A 238 24.85 -1.48 19.60
C GLN A 238 25.20 -0.15 18.89
N GLU A 239 25.99 0.70 19.54
CA GLU A 239 26.35 1.98 18.94
C GLU A 239 27.17 1.77 17.67
N LYS A 240 28.07 0.80 17.69
CA LYS A 240 28.86 0.46 16.50
C LYS A 240 27.95 -0.11 15.40
N VAL A 241 27.10 -1.08 15.75
CA VAL A 241 26.13 -1.56 14.79
C VAL A 241 25.29 -0.41 14.24
N MET A 242 24.86 0.53 15.07
CA MET A 242 24.01 1.62 14.52
C MET A 242 24.80 2.59 13.65
N GLN A 243 26.09 2.74 13.93
CA GLN A 243 26.95 3.55 13.08
C GLN A 243 27.14 2.91 11.68
N ILE A 244 27.35 1.61 11.64
CA ILE A 244 27.48 0.87 10.38
C ILE A 244 26.21 1.09 9.57
N SER A 245 25.08 0.88 10.23
CA SER A 245 23.78 1.06 9.59
C SER A 245 23.53 2.47 9.04
N ALA A 246 23.97 3.48 9.79
CA ALA A 246 23.79 4.88 9.40
C ALA A 246 24.73 5.31 8.29
N THR A 247 25.91 4.68 8.22
CA THR A 247 27.02 5.18 7.38
C THR A 247 27.45 4.25 6.25
N ILE A 248 27.26 2.94 6.38
CA ILE A 248 27.62 2.04 5.27
C ILE A 248 26.43 1.76 4.37
N TYR A 249 25.21 1.79 4.90
CA TYR A 249 24.09 1.34 4.14
C TYR A 249 23.31 2.50 3.51
N THR A 250 23.76 3.74 3.70
CA THR A 250 22.94 4.91 3.27
C THR A 250 23.55 5.74 2.14
N VAL A 251 24.56 5.24 1.46
CA VAL A 251 25.23 6.02 0.43
C VAL A 251 24.49 6.10 -0.90
N GLY A 252 23.85 5.02 -1.29
CA GLY A 252 23.07 5.09 -2.53
C GLY A 252 22.02 6.20 -2.53
N GLN A 253 21.70 6.69 -3.72
CA GLN A 253 20.42 7.32 -3.96
C GLN A 253 19.43 6.19 -4.32
N HIS A 254 19.21 5.24 -3.42
CA HIS A 254 18.28 4.14 -3.71
C HIS A 254 17.94 3.22 -2.51
N GLY A 255 16.95 2.35 -2.74
CA GLY A 255 16.64 1.25 -1.83
C GLY A 255 17.77 0.20 -1.84
N SER A 256 18.44 0.14 -2.99
CA SER A 256 19.59 -0.74 -3.21
C SER A 256 20.87 -0.36 -2.42
N SER A 257 20.83 0.76 -1.68
CA SER A 257 22.03 1.26 -1.00
C SER A 257 22.62 0.29 0.02
N TYR A 258 21.77 -0.51 0.67
CA TYR A 258 22.28 -1.51 1.61
C TYR A 258 23.21 -2.49 0.92
N LEU A 259 22.74 -3.08 -0.15
CA LEU A 259 23.48 -4.11 -0.88
C LEU A 259 24.75 -3.54 -1.53
N LYS A 260 24.63 -2.41 -2.20
CA LYS A 260 25.75 -1.77 -2.83
C LYS A 260 26.84 -1.39 -1.83
N GLY A 261 26.42 -0.88 -0.68
CA GLY A 261 27.34 -0.48 0.36
C GLY A 261 28.05 -1.66 0.97
N LEU A 262 27.29 -2.67 1.35
CA LEU A 262 27.86 -3.91 1.87
C LEU A 262 28.89 -4.49 0.92
N LYS A 263 28.52 -4.66 -0.34
CA LYS A 263 29.44 -5.23 -1.30
C LYS A 263 30.66 -4.32 -1.57
N CYS A 264 30.44 -3.01 -1.65
CA CYS A 264 31.55 -2.07 -1.78
C CYS A 264 32.53 -2.25 -0.59
N ALA A 265 31.98 -2.27 0.62
CA ALA A 265 32.79 -2.44 1.82
C ALA A 265 33.56 -3.75 1.79
N LEU A 266 32.91 -4.84 1.41
CA LEU A 266 33.55 -6.16 1.29
C LEU A 266 34.76 -6.14 0.36
N SER A 267 34.65 -5.39 -0.73
CA SER A 267 35.73 -5.22 -1.69
C SER A 267 36.90 -4.39 -1.11
N LEU A 268 36.55 -3.28 -0.46
CA LEU A 268 37.54 -2.42 0.17
C LEU A 268 38.25 -3.15 1.29
N LEU A 269 37.53 -4.04 1.95
CA LEU A 269 38.15 -4.91 2.96
C LEU A 269 39.01 -6.07 2.42
N GLY A 270 39.14 -6.24 1.11
CA GLY A 270 39.94 -7.35 0.55
C GLY A 270 39.26 -8.72 0.56
N ILE A 271 37.97 -8.77 0.84
CA ILE A 271 37.27 -10.07 1.00
C ILE A 271 36.75 -10.63 -0.32
N CYS A 272 35.91 -9.86 -1.03
CA CYS A 272 35.39 -10.33 -2.30
C CYS A 272 35.03 -9.20 -3.25
N SER A 273 34.67 -9.56 -4.46
CA SER A 273 34.28 -8.62 -5.48
C SER A 273 33.08 -7.81 -5.03
N ASP A 274 33.08 -6.54 -5.42
CA ASP A 274 31.92 -5.69 -5.15
C ASP A 274 30.91 -5.70 -6.27
N TYR A 275 31.11 -6.55 -7.28
CA TYR A 275 30.21 -6.48 -8.45
C TYR A 275 28.74 -6.77 -8.06
N VAL A 276 27.82 -5.98 -8.62
CA VAL A 276 26.37 -6.12 -8.36
C VAL A 276 25.62 -6.46 -9.66
N ALA A 277 24.71 -7.44 -9.62
CA ALA A 277 24.11 -7.91 -10.86
C ALA A 277 23.09 -6.91 -11.37
N ALA A 278 23.06 -6.73 -12.67
CA ALA A 278 21.99 -6.02 -13.33
C ALA A 278 20.63 -6.57 -12.86
N PRO A 279 19.64 -5.69 -12.71
CA PRO A 279 19.62 -4.29 -13.16
C PRO A 279 20.36 -3.25 -12.31
N PHE A 280 20.89 -3.64 -11.15
CA PHE A 280 21.65 -2.73 -10.32
C PHE A 280 23.10 -2.70 -10.79
N HIS A 281 23.89 -1.72 -10.34
CA HIS A 281 25.33 -1.70 -10.62
C HIS A 281 26.12 -1.22 -9.41
N LYS A 282 27.30 -1.77 -9.23
CA LYS A 282 28.14 -1.41 -8.07
C LYS A 282 28.44 0.10 -8.01
N PHE A 283 28.68 0.59 -6.81
CA PHE A 283 29.20 1.93 -6.59
C PHE A 283 30.44 2.22 -7.41
N GLU A 284 30.38 3.34 -8.13
CA GLU A 284 31.50 3.87 -8.86
C GLU A 284 32.42 4.65 -7.88
N GLN A 285 33.43 5.33 -8.42
CA GLN A 285 34.50 5.99 -7.64
C GLN A 285 34.02 6.90 -6.49
N ARG A 286 33.10 7.81 -6.78
CA ARG A 286 32.61 8.71 -5.75
C ARG A 286 31.95 8.01 -4.55
N GLU A 287 31.03 7.12 -4.82
CA GLU A 287 30.34 6.44 -3.74
C GLU A 287 31.34 5.49 -3.04
N ARG A 288 32.18 4.85 -3.82
CA ARG A 288 33.18 3.96 -3.26
C ARG A 288 34.08 4.74 -2.31
N GLY A 289 34.48 5.95 -2.71
CA GLY A 289 35.22 6.88 -1.83
C GLY A 289 34.51 7.18 -0.52
N LYS A 290 33.21 7.36 -0.58
CA LYS A 290 32.43 7.61 0.63
C LYS A 290 32.36 6.41 1.52
N ILE A 291 32.23 5.23 0.93
CA ILE A 291 32.15 4.03 1.73
C ILE A 291 33.51 3.84 2.42
N TRP A 292 34.62 4.04 1.71
CA TRP A 292 35.96 3.90 2.32
C TRP A 292 36.11 4.86 3.55
N LYS A 293 35.74 6.12 3.36
CA LYS A 293 35.74 7.12 4.46
C LYS A 293 34.91 6.64 5.64
N ALA A 294 33.73 6.15 5.35
CA ALA A 294 32.89 5.57 6.39
C ALA A 294 33.61 4.43 7.14
N LEU A 295 34.27 3.55 6.39
CA LEU A 295 34.94 2.40 6.99
C LEU A 295 36.09 2.87 7.87
N GLN A 296 36.86 3.86 7.41
CA GLN A 296 37.94 4.38 8.21
C GLN A 296 37.46 5.06 9.49
N ASN A 297 36.26 5.62 9.46
CA ASN A 297 35.65 6.22 10.64
C ASN A 297 35.05 5.23 11.63
N LEU A 298 34.76 4.01 11.20
CA LEU A 298 34.46 2.94 12.15
C LEU A 298 35.74 2.53 12.84
N GLY A 299 36.76 2.34 12.01
CA GLY A 299 38.04 1.76 12.42
C GLY A 299 38.67 1.09 11.20
N MET B 1 3.75 -8.91 -39.16
CA MET B 1 3.67 -7.86 -38.08
C MET B 1 3.20 -6.46 -38.53
N ASN B 2 1.89 -6.22 -38.41
CA ASN B 2 1.28 -4.91 -38.72
C ASN B 2 1.69 -3.87 -37.67
N ILE B 3 2.08 -2.70 -38.17
CA ILE B 3 2.42 -1.57 -37.32
C ILE B 3 1.38 -0.49 -37.60
N PRO B 4 0.65 -0.04 -36.57
CA PRO B 4 0.62 -0.47 -35.17
C PRO B 4 -0.20 -1.76 -35.01
N LEU B 5 0.23 -2.66 -34.15
CA LEU B 5 -0.57 -3.87 -33.91
C LEU B 5 -1.93 -3.49 -33.31
N SER B 6 -3.01 -4.02 -33.87
CA SER B 6 -4.38 -3.63 -33.51
C SER B 6 -5.31 -4.82 -33.43
N GLY B 7 -6.49 -4.63 -32.84
CA GLY B 7 -7.50 -5.67 -32.70
C GLY B 7 -7.47 -6.44 -31.39
N ILE B 8 -7.91 -7.68 -31.43
CA ILE B 8 -7.96 -8.53 -30.27
C ILE B 8 -6.76 -9.45 -30.25
N ILE B 9 -6.04 -9.40 -29.12
CA ILE B 9 -4.82 -10.18 -28.91
C ILE B 9 -4.93 -11.01 -27.62
N PRO B 10 -5.42 -12.24 -27.72
CA PRO B 10 -5.70 -12.89 -26.47
C PRO B 10 -4.46 -13.29 -25.73
N PRO B 11 -4.47 -13.07 -24.40
CA PRO B 11 -3.44 -13.63 -23.55
C PRO B 11 -3.85 -15.08 -23.34
N LEU B 12 -3.18 -15.96 -24.08
CA LEU B 12 -3.44 -17.39 -23.97
C LEU B 12 -3.25 -17.90 -22.55
N VAL B 13 -4.19 -18.68 -22.07
CA VAL B 13 -3.93 -19.50 -20.92
C VAL B 13 -2.83 -20.47 -21.32
N THR B 14 -2.05 -20.96 -20.36
CA THR B 14 -1.10 -22.05 -20.61
C THR B 14 -1.82 -23.34 -20.20
N PRO B 15 -2.27 -24.14 -21.16
CA PRO B 15 -3.08 -25.31 -20.76
C PRO B 15 -2.16 -26.41 -20.20
N LEU B 16 -2.56 -27.01 -19.07
CA LEU B 16 -1.74 -27.95 -18.32
C LEU B 16 -2.48 -29.28 -18.11
N LEU B 17 -1.71 -30.36 -18.09
CA LEU B 17 -2.21 -31.66 -17.67
C LEU B 17 -1.83 -31.92 -16.23
N ASP B 18 -0.74 -31.32 -15.78
CA ASP B 18 -0.27 -31.42 -14.41
C ASP B 18 0.59 -30.17 -14.15
N ASP B 19 1.15 -30.02 -12.95
CA ASP B 19 1.89 -28.78 -12.57
C ASP B 19 3.01 -28.47 -13.54
N ASP B 20 3.65 -29.52 -14.04
CA ASP B 20 4.77 -29.37 -14.93
C ASP B 20 4.59 -30.10 -16.24
N VAL B 21 3.34 -30.29 -16.71
CA VAL B 21 3.10 -30.93 -18.00
C VAL B 21 2.16 -30.04 -18.84
N LEU B 22 2.61 -29.69 -20.06
CA LEU B 22 1.80 -28.92 -21.02
C LEU B 22 0.68 -29.77 -21.63
N ASP B 23 -0.52 -29.21 -21.77
CA ASP B 23 -1.63 -29.86 -22.49
C ASP B 23 -1.53 -29.48 -23.97
N VAL B 24 -0.78 -30.27 -24.75
CA VAL B 24 -0.46 -29.86 -26.11
C VAL B 24 -1.68 -29.90 -27.01
N GLU B 25 -2.45 -30.95 -26.87
CA GLU B 25 -3.65 -31.08 -27.68
C GLU B 25 -4.65 -29.97 -27.37
N GLY B 26 -4.80 -29.62 -26.09
CA GLY B 26 -5.63 -28.50 -25.71
C GLY B 26 -5.10 -27.17 -26.27
N LEU B 27 -3.79 -26.98 -26.22
CA LEU B 27 -3.17 -25.79 -26.78
C LEU B 27 -3.49 -25.69 -28.28
N GLN B 28 -3.42 -26.83 -28.98
CA GLN B 28 -3.70 -26.86 -30.44
C GLN B 28 -5.11 -26.43 -30.71
N ARG B 29 -6.04 -26.99 -29.96
CA ARG B 29 -7.45 -26.66 -30.07
C ARG B 29 -7.73 -25.20 -29.73
N LEU B 30 -7.06 -24.71 -28.69
CA LEU B 30 -7.27 -23.32 -28.29
C LEU B 30 -6.83 -22.38 -29.42
N ILE B 31 -5.67 -22.64 -29.99
CA ILE B 31 -5.13 -21.76 -31.04
C ILE B 31 -5.98 -21.78 -32.30
N GLU B 32 -6.40 -22.98 -32.71
CA GLU B 32 -7.32 -23.10 -33.86
C GLU B 32 -8.62 -22.32 -33.64
N HIS B 33 -9.17 -22.42 -32.43
CA HIS B 33 -10.40 -21.76 -32.04
C HIS B 33 -10.24 -20.22 -32.10
N LEU B 34 -9.09 -19.72 -31.63
CA LEU B 34 -8.78 -18.29 -31.68
C LEU B 34 -8.56 -17.76 -33.09
N ILE B 35 -7.81 -18.51 -33.90
CA ILE B 35 -7.56 -18.11 -35.26
C ILE B 35 -8.86 -18.08 -36.04
N ALA B 36 -9.67 -19.15 -35.90
CA ALA B 36 -10.97 -19.20 -36.57
C ALA B 36 -11.89 -18.11 -36.05
N GLY B 37 -11.70 -17.65 -34.83
CA GLY B 37 -12.54 -16.58 -34.31
C GLY B 37 -12.13 -15.18 -34.72
N GLY B 38 -11.07 -15.03 -35.52
CA GLY B 38 -10.69 -13.72 -36.09
C GLY B 38 -9.80 -12.83 -35.21
N VAL B 39 -9.13 -13.40 -34.21
CA VAL B 39 -8.18 -12.58 -33.42
C VAL B 39 -6.98 -12.18 -34.29
N HIS B 40 -6.26 -11.15 -33.88
CA HIS B 40 -5.19 -10.62 -34.72
C HIS B 40 -3.78 -10.99 -34.29
N ALA B 41 -3.62 -11.56 -33.11
CA ALA B 41 -2.29 -12.04 -32.64
C ALA B 41 -2.49 -12.88 -31.39
N LEU B 42 -1.45 -13.59 -30.97
CA LEU B 42 -1.49 -14.45 -29.80
C LEU B 42 -0.41 -13.96 -28.82
N PHE B 43 -0.75 -13.85 -27.55
CA PHE B 43 0.18 -13.34 -26.55
C PHE B 43 0.33 -14.44 -25.54
N VAL B 44 1.55 -14.97 -25.40
CA VAL B 44 1.79 -16.02 -24.45
C VAL B 44 2.58 -15.59 -23.20
N LEU B 45 2.35 -16.34 -22.14
CA LEU B 45 3.00 -16.18 -20.84
C LEU B 45 2.68 -14.87 -20.13
N GLY B 46 1.54 -14.29 -20.46
CA GLY B 46 0.94 -13.23 -19.68
C GLY B 46 0.58 -13.76 -18.32
N THR B 47 0.04 -12.85 -17.51
CA THR B 47 -0.47 -13.26 -16.19
C THR B 47 -1.63 -14.30 -16.36
N THR B 48 -2.44 -14.18 -17.41
CA THR B 48 -3.47 -15.18 -17.76
C THR B 48 -2.83 -16.56 -18.03
N GLY B 49 -1.57 -16.50 -18.51
CA GLY B 49 -0.75 -17.69 -18.79
C GLY B 49 0.01 -18.28 -17.63
N GLU B 50 -0.19 -17.73 -16.43
CA GLU B 50 0.44 -18.25 -15.21
C GLU B 50 1.95 -18.24 -15.28
N SER B 51 2.56 -17.24 -15.93
CA SER B 51 3.97 -17.40 -16.25
C SER B 51 4.78 -17.61 -14.99
N GLN B 52 4.56 -16.78 -13.99
CA GLN B 52 5.45 -16.81 -12.83
C GLN B 52 5.37 -18.12 -12.08
N SER B 53 4.21 -18.76 -12.14
CA SER B 53 4.03 -19.99 -11.39
C SER B 53 4.62 -21.24 -12.10
N LEU B 54 5.05 -21.10 -13.35
CA LEU B 54 5.47 -22.26 -14.11
C LEU B 54 6.99 -22.40 -14.09
N SER B 55 7.50 -23.62 -14.24
CA SER B 55 8.96 -23.86 -14.33
C SER B 55 9.52 -23.25 -15.60
N TYR B 56 10.85 -23.13 -15.68
CA TYR B 56 11.49 -22.59 -16.89
C TYR B 56 11.16 -23.50 -18.05
N LYS B 57 11.24 -24.81 -17.82
CA LYS B 57 10.95 -25.80 -18.86
C LYS B 57 9.57 -25.65 -19.48
N LEU B 58 8.58 -25.42 -18.66
CA LEU B 58 7.23 -25.31 -19.15
C LEU B 58 6.98 -23.96 -19.85
N ARG B 59 7.64 -22.89 -19.40
CA ARG B 59 7.57 -21.63 -20.11
C ARG B 59 8.12 -21.77 -21.53
N MET B 60 9.24 -22.47 -21.64
CA MET B 60 9.90 -22.74 -22.92
C MET B 60 9.05 -23.60 -23.81
N GLU B 61 8.47 -24.65 -23.25
CA GLU B 61 7.57 -25.48 -24.04
C GLU B 61 6.35 -24.74 -24.55
N MET B 62 5.77 -23.86 -23.74
CA MET B 62 4.63 -23.08 -24.22
C MET B 62 5.04 -22.20 -25.43
N ILE B 63 6.22 -21.57 -25.35
CA ILE B 63 6.70 -20.70 -26.44
C ILE B 63 6.87 -21.51 -27.72
N LYS B 64 7.57 -22.63 -27.58
CA LYS B 64 7.93 -23.50 -28.68
C LYS B 64 6.69 -24.06 -29.35
N ASN B 65 5.80 -24.62 -28.56
CA ASN B 65 4.58 -25.20 -29.11
C ASN B 65 3.68 -24.12 -29.71
N THR B 66 3.55 -22.99 -29.04
CA THR B 66 2.68 -21.94 -29.60
C THR B 66 3.18 -21.53 -30.99
N CYS B 67 4.50 -21.33 -31.13
CA CYS B 67 5.06 -20.91 -32.42
C CYS B 67 4.88 -21.99 -33.52
N ARG B 68 5.17 -23.24 -33.18
CA ARG B 68 4.99 -24.36 -34.09
C ARG B 68 3.53 -24.41 -34.58
N ILE B 69 2.61 -24.39 -33.63
CA ILE B 69 1.19 -24.50 -33.96
C ILE B 69 0.68 -23.32 -34.79
N ALA B 70 1.05 -22.10 -34.44
CA ALA B 70 0.55 -20.94 -35.19
C ALA B 70 1.02 -20.99 -36.63
N LYS B 71 2.19 -21.61 -36.85
CA LYS B 71 2.88 -21.70 -38.18
C LYS B 71 2.77 -20.44 -39.02
N GLY B 72 3.12 -19.33 -38.41
CA GLY B 72 3.18 -18.04 -39.06
C GLY B 72 1.85 -17.39 -39.42
N ARG B 73 0.71 -17.98 -39.04
CA ARG B 73 -0.57 -17.43 -39.50
C ARG B 73 -0.93 -16.12 -38.82
N LEU B 74 -0.38 -15.92 -37.62
CA LEU B 74 -0.69 -14.79 -36.77
C LEU B 74 0.58 -14.39 -36.04
N PRO B 75 0.82 -13.10 -35.81
CA PRO B 75 1.94 -12.70 -34.95
C PRO B 75 1.85 -13.30 -33.56
N VAL B 76 3.00 -13.77 -33.06
CA VAL B 76 3.12 -14.31 -31.70
C VAL B 76 3.96 -13.35 -30.88
N LEU B 77 3.39 -12.88 -29.76
CA LEU B 77 4.05 -12.05 -28.76
C LEU B 77 4.33 -12.89 -27.53
N VAL B 78 5.55 -12.80 -27.02
CA VAL B 78 5.97 -13.57 -25.87
C VAL B 78 6.32 -12.67 -24.71
N CYS B 79 5.71 -12.92 -23.54
CA CYS B 79 6.09 -12.22 -22.32
C CYS B 79 7.39 -12.78 -21.77
N ILE B 80 8.41 -11.94 -21.66
CA ILE B 80 9.72 -12.37 -21.21
C ILE B 80 10.04 -11.94 -19.78
N SER B 81 9.07 -11.30 -19.10
CA SER B 81 9.28 -10.78 -17.74
C SER B 81 9.76 -11.87 -16.81
N ASP B 82 10.74 -11.52 -15.97
CA ASP B 82 11.32 -12.45 -15.03
C ASP B 82 12.06 -11.66 -14.01
N THR B 83 12.25 -12.20 -12.81
CA THR B 83 13.08 -11.53 -11.83
C THR B 83 14.57 -11.50 -12.27
N SER B 84 15.01 -12.45 -13.11
CA SER B 84 16.38 -12.43 -13.62
C SER B 84 16.42 -11.91 -15.05
N ILE B 85 17.20 -10.86 -15.26
CA ILE B 85 17.45 -10.38 -16.62
C ILE B 85 18.08 -11.42 -17.53
N VAL B 86 19.07 -12.15 -17.04
CA VAL B 86 19.61 -13.23 -17.83
C VAL B 86 18.47 -14.19 -18.32
N GLU B 87 17.55 -14.59 -17.45
CA GLU B 87 16.50 -15.55 -17.85
C GLU B 87 15.55 -14.88 -18.82
N SER B 88 15.31 -13.59 -18.62
CA SER B 88 14.41 -12.86 -19.51
C SER B 88 14.99 -12.80 -20.95
N VAL B 89 16.28 -12.53 -21.06
CA VAL B 89 16.92 -12.53 -22.36
C VAL B 89 16.98 -13.94 -23.00
N ASN B 90 17.13 -14.98 -22.18
N ASN B 90 17.13 -14.98 -22.19
CA ASN B 90 17.06 -16.35 -22.67
CA ASN B 90 17.05 -16.37 -22.66
C ASN B 90 15.70 -16.69 -23.30
C ASN B 90 15.70 -16.69 -23.30
N LEU B 91 14.61 -16.27 -22.64
CA LEU B 91 13.27 -16.44 -23.21
C LEU B 91 13.13 -15.61 -24.50
N ALA B 92 13.63 -14.37 -24.51
CA ALA B 92 13.58 -13.59 -25.75
C ALA B 92 14.28 -14.31 -26.93
N CYS B 93 15.46 -14.90 -26.67
CA CYS B 93 16.28 -15.56 -27.71
C CYS B 93 15.59 -16.83 -28.24
N LEU B 94 15.02 -17.59 -27.32
CA LEU B 94 14.23 -18.74 -27.66
C LEU B 94 13.02 -18.38 -28.51
N ALA B 95 12.35 -17.29 -28.14
CA ALA B 95 11.21 -16.80 -28.89
C ALA B 95 11.60 -16.48 -30.33
N ALA B 96 12.67 -15.72 -30.47
CA ALA B 96 13.25 -15.38 -31.75
C ALA B 96 13.55 -16.64 -32.56
N ASP B 97 14.26 -17.59 -31.97
CA ASP B 97 14.66 -18.80 -32.67
C ASP B 97 13.47 -19.59 -33.19
N HIS B 98 12.31 -19.46 -32.54
CA HIS B 98 11.17 -20.25 -32.92
C HIS B 98 10.15 -19.47 -33.73
N GLY B 99 10.50 -18.25 -34.11
CA GLY B 99 9.68 -17.47 -35.01
C GLY B 99 8.65 -16.52 -34.41
N ALA B 100 8.72 -16.20 -33.11
CA ALA B 100 7.88 -15.17 -32.52
C ALA B 100 8.21 -13.84 -33.13
N ASP B 101 7.26 -12.94 -33.05
CA ASP B 101 7.35 -11.65 -33.71
C ASP B 101 7.73 -10.51 -32.75
N ALA B 102 7.43 -10.67 -31.47
CA ALA B 102 7.75 -9.60 -30.51
C ALA B 102 7.82 -10.15 -29.11
N VAL B 103 8.44 -9.37 -28.22
CA VAL B 103 8.50 -9.73 -26.82
C VAL B 103 7.82 -8.65 -26.04
N VAL B 104 7.44 -9.00 -24.82
CA VAL B 104 6.66 -8.12 -23.96
C VAL B 104 7.30 -8.18 -22.59
N SER B 105 7.64 -7.03 -22.04
CA SER B 105 8.36 -6.96 -20.79
C SER B 105 7.91 -5.88 -19.81
N ALA B 106 7.85 -6.27 -18.55
CA ALA B 106 7.62 -5.35 -17.44
C ALA B 106 8.86 -5.42 -16.55
N PRO B 107 9.25 -4.32 -15.92
CA PRO B 107 10.38 -4.39 -15.00
C PRO B 107 10.02 -5.15 -13.73
N PRO B 108 11.01 -5.79 -13.10
CA PRO B 108 10.67 -6.57 -11.90
C PRO B 108 10.23 -5.70 -10.70
N TYR B 109 9.34 -6.23 -9.88
CA TYR B 109 8.78 -5.53 -8.68
C TYR B 109 9.87 -4.76 -7.97
N TYR B 110 10.84 -5.51 -7.46
CA TYR B 110 11.87 -4.97 -6.58
C TYR B 110 12.68 -3.79 -7.13
N PHE B 111 12.73 -3.61 -8.45
CA PHE B 111 13.65 -2.65 -9.06
C PHE B 111 13.20 -1.20 -9.03
N ALA B 112 11.93 -0.97 -9.36
CA ALA B 112 11.48 0.38 -9.73
C ALA B 112 11.19 1.27 -8.53
N THR B 113 12.08 2.23 -8.32
CA THR B 113 11.89 3.23 -7.27
C THR B 113 11.67 4.62 -7.89
N GLY B 114 12.01 4.75 -9.16
CA GLY B 114 11.99 6.04 -9.83
C GLY B 114 11.96 5.93 -11.34
N GLN B 115 11.64 7.04 -11.98
CA GLN B 115 11.61 7.10 -13.42
C GLN B 115 12.96 6.98 -14.10
N PRO B 116 14.00 7.67 -13.60
CA PRO B 116 15.33 7.45 -14.17
C PRO B 116 15.79 5.97 -14.23
N GLU B 117 15.52 5.19 -13.22
CA GLU B 117 15.85 3.77 -13.24
C GLU B 117 15.07 2.96 -14.27
N LEU B 118 13.79 3.28 -14.46
CA LEU B 118 13.01 2.60 -15.48
C LEU B 118 13.60 2.87 -16.83
N ILE B 119 13.95 4.12 -17.11
CA ILE B 119 14.64 4.48 -18.35
C ILE B 119 15.94 3.66 -18.56
N GLU B 120 16.74 3.61 -17.50
CA GLU B 120 18.03 2.92 -17.57
C GLU B 120 17.82 1.42 -17.74
N PHE B 121 16.82 0.87 -17.06
CA PHE B 121 16.49 -0.55 -17.22
C PHE B 121 16.33 -0.90 -18.69
N TYR B 122 15.45 -0.18 -19.39
CA TYR B 122 15.18 -0.46 -20.81
C TYR B 122 16.34 -0.09 -21.74
N GLU B 123 17.00 1.04 -21.47
CA GLU B 123 18.25 1.38 -22.21
C GLU B 123 19.29 0.21 -22.17
N HIS B 124 19.37 -0.46 -21.02
CA HIS B 124 20.30 -1.60 -20.85
C HIS B 124 19.77 -2.90 -21.44
N LEU B 125 18.46 -3.12 -21.36
CA LEU B 125 17.89 -4.35 -21.88
C LEU B 125 17.82 -4.39 -23.40
N LEU B 126 17.35 -3.31 -24.02
CA LEU B 126 17.11 -3.27 -25.47
C LEU B 126 18.20 -3.81 -26.42
N PRO B 127 19.48 -3.45 -26.23
CA PRO B 127 20.52 -4.03 -27.09
C PRO B 127 20.71 -5.54 -26.95
N GLN B 128 20.13 -6.15 -25.93
CA GLN B 128 20.21 -7.59 -25.74
C GLN B 128 19.10 -8.34 -26.40
N LEU B 129 18.11 -7.62 -26.94
CA LEU B 129 16.89 -8.29 -27.38
C LEU B 129 16.91 -8.49 -28.88
N PRO B 130 16.50 -9.67 -29.33
CA PRO B 130 16.52 -9.89 -30.76
C PRO B 130 15.19 -9.61 -31.47
N LEU B 131 14.19 -9.11 -30.75
CA LEU B 131 12.87 -8.84 -31.35
C LEU B 131 12.35 -7.51 -30.85
N PRO B 132 11.42 -6.91 -31.59
CA PRO B 132 10.74 -5.73 -31.07
C PRO B 132 10.02 -5.98 -29.74
N LEU B 133 9.85 -4.90 -28.99
CA LEU B 133 9.41 -4.94 -27.60
C LEU B 133 8.17 -4.08 -27.33
N PHE B 134 7.22 -4.67 -26.59
CA PHE B 134 6.12 -3.97 -26.00
C PHE B 134 6.41 -3.79 -24.50
N LEU B 135 6.28 -2.57 -24.02
CA LEU B 135 6.39 -2.33 -22.61
C LEU B 135 5.08 -2.64 -21.90
N TYR B 136 5.16 -3.17 -20.69
CA TYR B 136 3.95 -3.21 -19.91
C TYR B 136 4.10 -2.94 -18.44
N ASN B 137 3.01 -2.39 -17.92
CA ASN B 137 2.94 -1.85 -16.59
C ASN B 137 2.49 -2.98 -15.67
N MET B 138 3.39 -3.46 -14.80
CA MET B 138 3.08 -4.63 -13.99
C MET B 138 1.89 -4.33 -13.06
N PRO B 139 0.83 -5.15 -13.17
CA PRO B 139 -0.52 -4.88 -12.65
C PRO B 139 -0.65 -4.65 -11.14
N THR B 140 0.03 -5.45 -10.32
CA THR B 140 -0.11 -5.35 -8.86
C THR B 140 1.17 -4.93 -8.15
N HIS B 141 2.20 -5.78 -8.20
CA HIS B 141 3.36 -5.67 -7.30
C HIS B 141 3.96 -4.27 -7.19
N THR B 142 4.43 -3.71 -8.30
CA THR B 142 5.25 -2.48 -8.28
C THR B 142 4.53 -1.32 -7.59
N LYS B 143 5.30 -0.45 -6.97
CA LYS B 143 4.77 0.83 -6.50
C LYS B 143 4.72 1.82 -7.67
N VAL B 144 5.69 1.72 -8.57
CA VAL B 144 5.99 2.76 -9.56
C VAL B 144 5.59 2.37 -10.98
N ASN B 145 4.66 3.13 -11.54
CA ASN B 145 4.23 3.00 -12.93
C ASN B 145 5.23 3.71 -13.86
N PHE B 146 5.29 3.30 -15.11
CA PHE B 146 5.96 4.11 -16.12
C PHE B 146 5.21 5.43 -16.21
N ALA B 147 5.89 6.55 -16.00
CA ALA B 147 5.26 7.83 -16.30
C ALA B 147 5.12 8.02 -17.82
N PRO B 148 4.09 8.76 -18.25
CA PRO B 148 3.92 9.01 -19.68
C PRO B 148 5.19 9.52 -20.34
N ALA B 149 5.89 10.45 -19.70
CA ALA B 149 7.14 10.97 -20.27
C ALA B 149 8.25 9.89 -20.37
N THR B 150 8.24 8.94 -19.45
CA THR B 150 9.19 7.83 -19.48
C THR B 150 8.93 6.93 -20.66
N ILE B 151 7.66 6.65 -20.95
CA ILE B 151 7.30 5.86 -22.14
C ILE B 151 7.72 6.60 -23.42
N GLN B 152 7.45 7.90 -23.50
CA GLN B 152 7.89 8.69 -24.66
C GLN B 152 9.37 8.51 -24.86
N ARG B 153 10.11 8.70 -23.78
CA ARG B 153 11.55 8.60 -23.82
C ARG B 153 12.07 7.17 -24.21
N ILE B 154 11.49 6.12 -23.66
CA ILE B 154 11.91 4.75 -24.01
C ILE B 154 11.57 4.43 -25.46
N ALA B 155 10.36 4.81 -25.90
CA ALA B 155 9.95 4.67 -27.30
C ALA B 155 10.73 5.48 -28.34
N GLU B 156 11.61 6.38 -27.93
CA GLU B 156 12.65 6.88 -28.87
C GLU B 156 13.52 5.77 -29.50
N ASN B 157 13.64 4.62 -28.84
CA ASN B 157 14.29 3.47 -29.46
C ASN B 157 13.38 2.79 -30.47
N PRO B 158 13.83 2.61 -31.71
CA PRO B 158 12.97 1.93 -32.68
C PRO B 158 12.61 0.52 -32.32
N GLY B 159 13.38 -0.10 -31.41
CA GLY B 159 13.05 -1.46 -31.00
C GLY B 159 11.90 -1.53 -30.03
N VAL B 160 11.31 -0.38 -29.68
CA VAL B 160 10.14 -0.34 -28.78
C VAL B 160 8.90 0.04 -29.60
N ILE B 161 7.91 -0.85 -29.71
CA ILE B 161 6.81 -0.63 -30.64
C ILE B 161 5.41 -0.50 -30.03
N GLY B 162 5.35 -0.52 -28.70
CA GLY B 162 4.07 -0.47 -28.04
C GLY B 162 4.08 -0.58 -26.54
N PHE B 163 2.87 -0.48 -26.00
CA PHE B 163 2.60 -0.44 -24.59
C PHE B 163 1.29 -1.15 -24.31
N LYS B 164 1.26 -1.99 -23.28
CA LYS B 164 0.08 -2.70 -22.83
C LYS B 164 -0.11 -2.34 -21.39
N ASP B 165 -1.31 -1.91 -21.03
CA ASP B 165 -1.58 -1.61 -19.65
C ASP B 165 -2.56 -2.59 -19.06
N SER B 166 -2.18 -3.15 -17.92
CA SER B 166 -3.05 -4.06 -17.19
C SER B 166 -3.58 -3.38 -15.93
N SER B 167 -3.19 -2.16 -15.74
CA SER B 167 -3.81 -1.40 -14.67
C SER B 167 -5.26 -1.19 -15.18
N ALA B 168 -6.14 -1.06 -14.26
CA ALA B 168 -7.52 -0.83 -14.65
C ALA B 168 -7.77 0.68 -14.55
N ASN B 169 -6.69 1.46 -14.48
CA ASN B 169 -6.76 2.91 -14.27
C ASN B 169 -6.75 3.62 -15.61
N THR B 170 -7.91 4.09 -16.03
CA THR B 170 -8.02 4.67 -17.35
C THR B 170 -7.61 6.14 -17.37
N VAL B 171 -7.60 6.82 -16.22
CA VAL B 171 -6.96 8.13 -16.17
C VAL B 171 -5.47 8.00 -16.60
N TYR B 172 -4.79 7.04 -15.97
CA TYR B 172 -3.42 6.73 -16.36
C TYR B 172 -3.29 6.33 -17.84
N PHE B 173 -4.17 5.45 -18.31
CA PHE B 173 -4.12 5.01 -19.69
C PHE B 173 -4.30 6.22 -20.61
N GLN B 174 -5.26 7.09 -20.34
CA GLN B 174 -5.44 8.28 -21.18
C GLN B 174 -4.19 9.18 -21.19
N SER B 175 -3.49 9.26 -20.05
CA SER B 175 -2.27 10.10 -19.91
CA SER B 175 -2.32 10.13 -19.95
C SER B 175 -1.17 9.59 -20.81
N VAL B 176 -1.03 8.27 -20.87
CA VAL B 176 -0.09 7.63 -21.79
C VAL B 176 -0.52 7.78 -23.26
N MET B 177 -1.80 7.55 -23.59
CA MET B 177 -2.30 7.77 -24.96
C MET B 177 -1.97 9.17 -25.44
N TYR B 178 -2.24 10.16 -24.58
CA TYR B 178 -1.93 11.53 -24.93
C TYR B 178 -0.42 11.74 -25.15
N ALA B 179 0.45 11.16 -24.34
CA ALA B 179 1.89 11.37 -24.53
C ALA B 179 2.38 10.68 -25.83
N MET B 180 1.69 9.63 -26.26
CA MET B 180 2.16 8.81 -27.40
C MET B 180 1.40 9.07 -28.73
N LYS B 181 0.46 10.03 -28.69
CA LYS B 181 -0.51 10.25 -29.78
C LYS B 181 0.19 10.64 -31.08
N ASP B 182 1.32 11.33 -30.98
CA ASP B 182 1.99 11.72 -32.21
C ASP B 182 2.95 10.69 -32.82
N ASN B 183 3.07 9.53 -32.18
N ASN B 183 3.09 9.55 -32.17
CA ASN B 183 3.85 8.42 -32.72
CA ASN B 183 3.93 8.46 -32.70
C ASN B 183 2.89 7.46 -33.36
C ASN B 183 2.97 7.43 -33.35
N PRO B 184 2.78 7.53 -34.67
CA PRO B 184 1.75 6.78 -35.35
C PRO B 184 2.00 5.26 -35.43
N ASP B 185 3.24 4.84 -35.28
CA ASP B 185 3.57 3.40 -35.30
C ASP B 185 3.44 2.68 -33.94
N PHE B 186 3.18 3.44 -32.88
CA PHE B 186 3.18 2.92 -31.51
C PHE B 186 1.81 2.39 -31.07
N SER B 187 1.78 1.10 -30.79
CA SER B 187 0.57 0.44 -30.40
C SER B 187 0.27 0.60 -28.90
N MET B 188 -0.95 1.03 -28.60
CA MET B 188 -1.47 1.20 -27.25
C MET B 188 -2.55 0.16 -27.01
N LEU B 189 -2.26 -0.80 -26.13
CA LEU B 189 -3.14 -1.92 -25.91
C LEU B 189 -3.65 -1.96 -24.46
N VAL B 190 -4.91 -2.37 -24.32
CA VAL B 190 -5.55 -2.40 -23.02
C VAL B 190 -5.80 -3.84 -22.59
N GLY B 191 -5.40 -4.20 -21.39
CA GLY B 191 -5.58 -5.60 -20.94
C GLY B 191 -7.02 -5.95 -20.55
N PRO B 192 -7.58 -5.22 -19.56
CA PRO B 192 -8.88 -5.61 -18.97
C PRO B 192 -10.01 -5.46 -19.93
N GLU B 193 -10.73 -6.55 -20.16
CA GLU B 193 -11.70 -6.54 -21.26
C GLU B 193 -12.89 -5.67 -20.97
N GLU B 194 -13.15 -5.41 -19.70
CA GLU B 194 -14.29 -4.58 -19.31
C GLU B 194 -14.21 -3.13 -19.83
N ILE B 195 -13.00 -2.67 -20.14
CA ILE B 195 -12.75 -1.27 -20.57
C ILE B 195 -12.21 -1.17 -22.00
N MET B 196 -12.22 -2.30 -22.70
CA MET B 196 -11.70 -2.35 -24.04
C MET B 196 -12.47 -1.44 -24.97
N ALA B 197 -13.79 -1.55 -24.92
CA ALA B 197 -14.65 -0.81 -25.83
C ALA B 197 -14.46 0.69 -25.66
N GLU B 198 -14.46 1.17 -24.42
CA GLU B 198 -14.44 2.60 -24.19
C GLU B 198 -13.06 3.11 -24.56
N SER B 199 -12.04 2.31 -24.32
CA SER B 199 -10.70 2.72 -24.64
C SER B 199 -10.47 2.76 -26.15
N VAL B 200 -10.96 1.75 -26.87
CA VAL B 200 -10.90 1.79 -28.35
C VAL B 200 -11.68 2.99 -28.95
N LEU B 201 -12.85 3.28 -28.38
CA LEU B 201 -13.62 4.45 -28.79
C LEU B 201 -12.76 5.72 -28.79
N LEU B 202 -11.88 5.83 -27.80
CA LEU B 202 -10.99 6.99 -27.65
C LEU B 202 -9.61 6.77 -28.27
N GLY B 203 -9.46 5.77 -29.13
CA GLY B 203 -8.21 5.60 -29.88
C GLY B 203 -7.26 4.46 -29.51
N ALA B 204 -7.52 3.70 -28.44
CA ALA B 204 -6.68 2.56 -28.15
C ALA B 204 -6.70 1.62 -29.39
N HIS B 205 -5.59 0.96 -29.63
CA HIS B 205 -5.41 0.11 -30.81
C HIS B 205 -5.96 -1.28 -30.62
N GLY B 206 -6.11 -1.74 -29.40
CA GLY B 206 -6.57 -3.12 -29.26
C GLY B 206 -6.66 -3.57 -27.83
N GLY B 207 -7.09 -4.82 -27.67
CA GLY B 207 -7.32 -5.39 -26.36
C GLY B 207 -6.66 -6.74 -26.21
N VAL B 208 -6.03 -6.91 -25.06
CA VAL B 208 -5.34 -8.14 -24.73
C VAL B 208 -6.28 -8.80 -23.72
N ASN B 209 -7.36 -9.37 -24.24
CA ASN B 209 -8.53 -9.68 -23.43
C ASN B 209 -8.66 -11.19 -23.20
N GLY B 210 -8.52 -11.61 -21.94
CA GLY B 210 -8.55 -13.03 -21.58
C GLY B 210 -9.83 -13.77 -21.96
N GLY B 211 -10.97 -13.08 -21.94
CA GLY B 211 -12.25 -13.68 -22.30
C GLY B 211 -12.29 -14.17 -23.73
N ALA B 212 -11.41 -13.62 -24.57
CA ALA B 212 -11.38 -14.04 -25.95
C ALA B 212 -10.89 -15.48 -26.12
N ASN B 213 -10.24 -16.04 -25.09
CA ASN B 213 -9.91 -17.46 -25.07
C ASN B 213 -11.20 -18.29 -25.23
N MET B 214 -12.26 -17.88 -24.52
CA MET B 214 -13.55 -18.56 -24.60
C MET B 214 -14.34 -18.18 -25.85
N PHE B 215 -14.57 -16.88 -26.03
CA PHE B 215 -15.49 -16.39 -27.06
C PHE B 215 -14.82 -15.35 -27.95
N PRO B 216 -13.89 -15.78 -28.83
CA PRO B 216 -13.09 -14.81 -29.57
C PRO B 216 -13.92 -13.88 -30.45
N GLU B 217 -14.93 -14.45 -31.09
CA GLU B 217 -15.81 -13.65 -31.96
C GLU B 217 -16.54 -12.53 -31.28
N LEU B 218 -16.92 -12.72 -30.02
CA LEU B 218 -17.60 -11.69 -29.29
C LEU B 218 -16.70 -10.46 -29.08
N TYR B 219 -15.47 -10.70 -28.64
CA TYR B 219 -14.52 -9.60 -28.40
C TYR B 219 -14.09 -8.95 -29.71
N VAL B 220 -13.88 -9.73 -30.76
CA VAL B 220 -13.64 -9.16 -32.08
C VAL B 220 -14.79 -8.25 -32.54
N SER B 221 -16.05 -8.73 -32.40
CA SER B 221 -17.21 -7.91 -32.77
C SER B 221 -17.26 -6.59 -31.98
N LEU B 222 -16.99 -6.65 -30.68
CA LEU B 222 -17.01 -5.45 -29.85
C LEU B 222 -15.89 -4.48 -30.25
N TYR B 223 -14.70 -5.00 -30.50
CA TYR B 223 -13.60 -4.19 -30.99
C TYR B 223 -13.99 -3.44 -32.25
N ASN B 224 -14.55 -4.15 -33.24
CA ASN B 224 -14.97 -3.48 -34.48
C ASN B 224 -16.08 -2.44 -34.30
N ALA B 225 -17.06 -2.74 -33.46
CA ALA B 225 -18.13 -1.79 -33.16
C ALA B 225 -17.56 -0.54 -32.47
N ALA B 226 -16.56 -0.72 -31.60
CA ALA B 226 -15.93 0.44 -30.93
C ALA B 226 -15.14 1.22 -31.94
N LYS B 227 -14.35 0.49 -32.73
CA LYS B 227 -13.48 1.13 -33.70
C LYS B 227 -14.29 1.98 -34.67
N ASN B 228 -15.46 1.48 -35.04
CA ASN B 228 -16.33 2.19 -35.97
C ASN B 228 -17.41 3.02 -35.29
N ALA B 229 -17.41 3.09 -33.95
CA ALA B 229 -18.45 3.83 -33.22
C ALA B 229 -19.89 3.45 -33.58
N ASP B 230 -20.14 2.15 -33.74
CA ASP B 230 -21.52 1.64 -33.89
C ASP B 230 -22.06 1.44 -32.46
N MET B 231 -22.69 2.47 -31.96
CA MET B 231 -22.93 2.60 -30.52
C MET B 231 -23.94 1.57 -29.98
N GLU B 232 -24.96 1.29 -30.79
CA GLU B 232 -25.93 0.27 -30.44
C GLU B 232 -25.28 -1.11 -30.30
N GLU B 233 -24.40 -1.47 -31.21
CA GLU B 233 -23.67 -2.72 -31.08
C GLU B 233 -22.68 -2.65 -29.90
N VAL B 234 -22.04 -1.51 -29.70
CA VAL B 234 -21.11 -1.39 -28.59
C VAL B 234 -21.89 -1.74 -27.34
N ARG B 235 -23.07 -1.12 -27.18
CA ARG B 235 -23.85 -1.29 -25.96
C ARG B 235 -24.32 -2.74 -25.80
N ARG B 236 -24.83 -3.32 -26.88
CA ARG B 236 -25.33 -4.69 -26.84
C ARG B 236 -24.22 -5.65 -26.46
N LEU B 237 -23.05 -5.49 -27.06
CA LEU B 237 -22.00 -6.44 -26.87
C LEU B 237 -21.27 -6.21 -25.55
N GLN B 238 -21.11 -4.95 -25.14
CA GLN B 238 -20.53 -4.63 -23.83
C GLN B 238 -21.30 -5.29 -22.69
N GLU B 239 -22.63 -5.25 -22.78
CA GLU B 239 -23.45 -5.93 -21.79
C GLU B 239 -23.14 -7.45 -21.70
N LYS B 240 -22.91 -8.14 -22.82
CA LYS B 240 -22.46 -9.55 -22.78
C LYS B 240 -21.10 -9.71 -22.09
N VAL B 241 -20.18 -8.79 -22.38
CA VAL B 241 -18.87 -8.84 -21.77
C VAL B 241 -19.00 -8.64 -20.29
N MET B 242 -19.86 -7.72 -19.88
CA MET B 242 -20.02 -7.45 -18.47
C MET B 242 -20.74 -8.63 -17.77
N GLN B 243 -21.61 -9.32 -18.49
CA GLN B 243 -22.25 -10.49 -17.91
C GLN B 243 -21.22 -11.62 -17.64
N ILE B 244 -20.36 -11.85 -18.61
CA ILE B 244 -19.23 -12.76 -18.43
C ILE B 244 -18.42 -12.35 -17.19
N SER B 245 -18.05 -11.09 -17.16
CA SER B 245 -17.25 -10.57 -16.05
C SER B 245 -17.88 -10.83 -14.68
N ALA B 246 -19.18 -10.56 -14.56
CA ALA B 246 -19.93 -10.77 -13.32
C ALA B 246 -20.13 -12.23 -12.93
N THR B 247 -20.25 -13.11 -13.92
CA THR B 247 -20.68 -14.50 -13.65
C THR B 247 -19.64 -15.62 -13.82
N ILE B 248 -18.61 -15.43 -14.66
CA ILE B 248 -17.61 -16.46 -14.89
C ILE B 248 -16.39 -16.19 -14.04
N TYR B 249 -16.14 -14.91 -13.73
CA TYR B 249 -14.90 -14.52 -13.09
C TYR B 249 -15.03 -14.34 -11.57
N THR B 250 -16.23 -14.54 -11.03
CA THR B 250 -16.49 -14.22 -9.62
C THR B 250 -16.81 -15.39 -8.69
N VAL B 251 -16.52 -16.62 -9.12
CA VAL B 251 -16.92 -17.79 -8.32
C VAL B 251 -15.92 -18.14 -7.21
N GLY B 252 -14.65 -17.82 -7.38
CA GLY B 252 -13.66 -18.27 -6.39
C GLY B 252 -13.74 -17.64 -5.00
N GLN B 253 -13.68 -18.48 -3.95
CA GLN B 253 -13.48 -18.03 -2.56
C GLN B 253 -12.00 -17.94 -2.14
N HIS B 254 -11.07 -18.39 -2.99
CA HIS B 254 -9.67 -18.60 -2.55
C HIS B 254 -8.60 -17.78 -3.27
N GLY B 255 -9.00 -16.77 -4.04
CA GLY B 255 -8.03 -16.04 -4.86
C GLY B 255 -7.92 -16.62 -6.26
N SER B 256 -7.51 -15.76 -7.19
CA SER B 256 -7.40 -16.11 -8.60
C SER B 256 -8.72 -16.65 -9.17
N SER B 257 -9.80 -15.96 -8.83
CA SER B 257 -11.14 -16.28 -9.30
C SER B 257 -11.30 -16.15 -10.83
N TYR B 258 -10.64 -15.14 -11.42
CA TYR B 258 -10.64 -14.92 -12.86
C TYR B 258 -10.04 -16.11 -13.59
N LEU B 259 -8.83 -16.49 -13.21
CA LEU B 259 -8.07 -17.54 -13.88
C LEU B 259 -8.73 -18.89 -13.71
N LYS B 260 -9.17 -19.21 -12.50
CA LYS B 260 -9.84 -20.49 -12.25
C LYS B 260 -11.17 -20.58 -13.00
N GLY B 261 -11.93 -19.48 -13.03
CA GLY B 261 -13.18 -19.41 -13.77
C GLY B 261 -13.00 -19.58 -15.27
N LEU B 262 -12.03 -18.87 -15.82
CA LEU B 262 -11.70 -18.95 -17.22
C LEU B 262 -11.28 -20.36 -17.61
N LYS B 263 -10.33 -20.94 -16.88
CA LYS B 263 -9.84 -22.28 -17.22
C LYS B 263 -10.96 -23.32 -17.06
N CYS B 264 -11.77 -23.18 -16.02
CA CYS B 264 -12.91 -24.06 -15.81
C CYS B 264 -13.89 -24.02 -17.00
N ALA B 265 -14.18 -22.80 -17.49
CA ALA B 265 -15.03 -22.61 -18.66
C ALA B 265 -14.38 -23.20 -19.93
N LEU B 266 -13.09 -22.97 -20.12
CA LEU B 266 -12.45 -23.49 -21.34
C LEU B 266 -12.65 -25.03 -21.42
N SER B 267 -12.53 -25.71 -20.30
CA SER B 267 -12.72 -27.17 -20.29
C SER B 267 -14.17 -27.55 -20.55
N LEU B 268 -15.08 -26.88 -19.88
CA LEU B 268 -16.53 -27.08 -20.07
C LEU B 268 -16.95 -26.80 -21.53
N LEU B 269 -16.27 -25.86 -22.18
CA LEU B 269 -16.49 -25.59 -23.60
C LEU B 269 -15.83 -26.61 -24.53
N GLY B 270 -15.04 -27.53 -23.98
CA GLY B 270 -14.37 -28.52 -24.79
C GLY B 270 -13.06 -28.10 -25.46
N ILE B 271 -12.47 -26.99 -25.04
CA ILE B 271 -11.27 -26.49 -25.70
C ILE B 271 -9.96 -27.05 -25.13
N CYS B 272 -9.81 -26.97 -23.81
CA CYS B 272 -8.59 -27.38 -23.19
C CYS B 272 -8.76 -27.69 -21.72
N SER B 273 -7.71 -28.27 -21.16
CA SER B 273 -7.65 -28.62 -19.75
C SER B 273 -7.92 -27.44 -18.84
N ASP B 274 -8.68 -27.70 -17.77
CA ASP B 274 -8.81 -26.68 -16.70
C ASP B 274 -7.78 -26.71 -15.58
N TYR B 275 -6.76 -27.56 -15.68
CA TYR B 275 -5.81 -27.73 -14.58
C TYR B 275 -5.06 -26.43 -14.35
N VAL B 276 -4.96 -26.04 -13.08
CA VAL B 276 -4.28 -24.83 -12.62
C VAL B 276 -3.03 -25.24 -11.82
N ALA B 277 -1.90 -24.58 -12.06
CA ALA B 277 -0.67 -25.02 -11.43
C ALA B 277 -0.58 -24.59 -9.97
N ALA B 278 -0.06 -25.49 -9.16
CA ALA B 278 0.25 -25.19 -7.76
C ALA B 278 1.08 -23.89 -7.74
N PRO B 279 0.89 -23.05 -6.71
CA PRO B 279 0.13 -23.34 -5.49
C PRO B 279 -1.37 -23.20 -5.60
N PHE B 280 -1.87 -22.74 -6.75
CA PHE B 280 -3.31 -22.63 -6.91
C PHE B 280 -3.85 -24.00 -7.33
N HIS B 281 -5.17 -24.16 -7.30
N HIS B 281 -5.18 -24.15 -7.24
CA HIS B 281 -5.83 -25.40 -7.70
CA HIS B 281 -5.89 -25.39 -7.62
C HIS B 281 -7.11 -25.06 -8.47
C HIS B 281 -7.13 -25.06 -8.47
N LYS B 282 -7.47 -25.90 -9.45
CA LYS B 282 -8.69 -25.70 -10.25
C LYS B 282 -9.92 -25.86 -9.36
N PHE B 283 -11.01 -25.25 -9.77
CA PHE B 283 -12.28 -25.45 -9.10
C PHE B 283 -12.63 -26.91 -9.02
N GLU B 284 -13.06 -27.33 -7.84
CA GLU B 284 -13.74 -28.60 -7.64
C GLU B 284 -15.24 -28.44 -8.01
N GLN B 285 -16.00 -29.53 -7.91
CA GLN B 285 -17.28 -29.58 -8.57
C GLN B 285 -18.29 -28.56 -8.06
N ARG B 286 -18.29 -28.24 -6.77
CA ARG B 286 -19.26 -27.24 -6.27
C ARG B 286 -19.15 -25.96 -7.09
N GLU B 287 -17.92 -25.49 -7.27
CA GLU B 287 -17.68 -24.26 -8.00
C GLU B 287 -17.78 -24.46 -9.52
N ARG B 288 -17.31 -25.59 -10.02
CA ARG B 288 -17.39 -25.87 -11.47
C ARG B 288 -18.85 -25.90 -11.97
N GLY B 289 -19.71 -26.52 -11.17
CA GLY B 289 -21.15 -26.54 -11.44
C GLY B 289 -21.75 -25.16 -11.55
N LYS B 290 -21.24 -24.23 -10.76
CA LYS B 290 -21.65 -22.84 -10.88
C LYS B 290 -21.12 -22.20 -12.14
N ILE B 291 -19.91 -22.54 -12.55
CA ILE B 291 -19.44 -22.01 -13.80
C ILE B 291 -20.28 -22.59 -14.94
N TRP B 292 -20.62 -23.88 -14.85
CA TRP B 292 -21.43 -24.54 -15.88
C TRP B 292 -22.75 -23.82 -16.04
N LYS B 293 -23.39 -23.57 -14.91
CA LYS B 293 -24.65 -22.84 -14.88
C LYS B 293 -24.54 -21.43 -15.45
N ALA B 294 -23.50 -20.73 -15.07
CA ALA B 294 -23.30 -19.38 -15.61
C ALA B 294 -23.10 -19.43 -17.14
N LEU B 295 -22.36 -20.41 -17.62
CA LEU B 295 -22.16 -20.59 -19.06
C LEU B 295 -23.49 -20.83 -19.77
N GLN B 296 -24.32 -21.72 -19.23
CA GLN B 296 -25.61 -22.00 -19.84
C GLN B 296 -26.51 -20.79 -19.89
N ASN B 297 -26.25 -19.81 -19.03
CA ASN B 297 -27.06 -18.59 -18.99
C ASN B 297 -26.59 -17.39 -19.82
N LEU B 298 -25.40 -17.43 -20.37
CA LEU B 298 -25.03 -16.47 -21.41
C LEU B 298 -25.96 -16.84 -22.57
N MET C 1 6.32 19.69 33.97
CA MET C 1 6.84 18.50 33.22
C MET C 1 8.33 18.28 33.48
N ASN C 2 8.71 17.03 33.77
CA ASN C 2 10.11 16.63 33.88
C ASN C 2 10.75 16.54 32.50
N ILE C 3 12.03 16.92 32.44
CA ILE C 3 12.80 16.86 31.21
C ILE C 3 13.88 15.84 31.51
N PRO C 4 13.91 14.71 30.78
CA PRO C 4 12.97 14.20 29.78
C PRO C 4 11.75 13.51 30.42
N LEU C 5 10.58 13.68 29.81
CA LEU C 5 9.42 12.90 30.22
C LEU C 5 9.72 11.41 30.05
N SER C 6 9.44 10.64 31.09
CA SER C 6 9.82 9.24 31.19
C SER C 6 8.76 8.44 31.88
N GLY C 7 8.83 7.12 31.75
CA GLY C 7 7.87 6.24 32.40
C GLY C 7 6.67 5.80 31.55
N ILE C 8 5.59 5.46 32.22
CA ILE C 8 4.38 5.03 31.57
C ILE C 8 3.44 6.22 31.49
N ILE C 9 2.95 6.47 30.28
CA ILE C 9 2.13 7.62 29.98
C ILE C 9 0.89 7.08 29.22
N PRO C 10 -0.15 6.65 29.96
CA PRO C 10 -1.26 6.00 29.30
C PRO C 10 -2.03 6.94 28.39
N PRO C 11 -2.41 6.46 27.21
CA PRO C 11 -3.31 7.19 26.33
C PRO C 11 -4.69 6.86 26.77
N LEU C 12 -5.30 7.81 27.46
CA LEU C 12 -6.62 7.63 28.00
C LEU C 12 -7.61 7.37 26.91
N VAL C 13 -8.45 6.37 27.15
CA VAL C 13 -9.67 6.28 26.40
C VAL C 13 -10.49 7.51 26.74
N THR C 14 -11.38 7.87 25.82
CA THR C 14 -12.38 8.90 26.07
C THR C 14 -13.66 8.15 26.42
N PRO C 15 -14.01 8.05 27.73
CA PRO C 15 -15.21 7.31 28.11
C PRO C 15 -16.46 8.09 27.74
N LEU C 16 -17.45 7.41 27.17
CA LEU C 16 -18.65 8.02 26.61
C LEU C 16 -19.92 7.41 27.16
N LEU C 17 -20.92 8.24 27.46
CA LEU C 17 -22.28 7.77 27.70
C LEU C 17 -23.00 7.46 26.38
N ASP C 18 -22.70 8.28 25.37
CA ASP C 18 -23.34 8.25 24.05
C ASP C 18 -22.37 8.87 23.02
N ASP C 19 -22.69 8.79 21.73
CA ASP C 19 -21.78 9.25 20.64
C ASP C 19 -21.21 10.62 20.93
N ASP C 20 -22.03 11.49 21.52
CA ASP C 20 -21.64 12.89 21.77
C ASP C 20 -21.78 13.30 23.24
N VAL C 21 -21.56 12.34 24.16
CA VAL C 21 -21.73 12.58 25.59
C VAL C 21 -20.63 11.88 26.39
N LEU C 22 -19.82 12.70 27.06
CA LEU C 22 -18.70 12.25 27.85
C LEU C 22 -19.19 11.56 29.12
N ASP C 23 -18.58 10.42 29.45
CA ASP C 23 -18.81 9.77 30.74
C ASP C 23 -17.87 10.37 31.80
N VAL C 24 -18.30 11.46 32.42
CA VAL C 24 -17.46 12.22 33.38
C VAL C 24 -17.13 11.42 34.63
N GLU C 25 -18.12 10.67 35.12
CA GLU C 25 -17.93 9.85 36.33
C GLU C 25 -16.88 8.77 36.09
N GLY C 26 -16.99 8.09 34.95
CA GLY C 26 -15.97 7.09 34.57
C GLY C 26 -14.60 7.67 34.27
N LEU C 27 -14.56 8.86 33.68
CA LEU C 27 -13.30 9.59 33.47
C LEU C 27 -12.63 9.82 34.83
N GLN C 28 -13.41 10.33 35.79
CA GLN C 28 -12.89 10.53 37.14
C GLN C 28 -12.31 9.23 37.70
N ARG C 29 -13.07 8.16 37.65
CA ARG C 29 -12.59 6.84 38.14
C ARG C 29 -11.29 6.41 37.43
N LEU C 30 -11.25 6.56 36.11
CA LEU C 30 -10.08 6.18 35.32
C LEU C 30 -8.85 6.97 35.76
N ILE C 31 -8.99 8.28 35.87
CA ILE C 31 -7.85 9.13 36.22
C ILE C 31 -7.31 8.82 37.62
N GLU C 32 -8.18 8.53 38.58
CA GLU C 32 -7.73 8.20 39.96
C GLU C 32 -7.02 6.85 40.00
N HIS C 33 -7.58 5.90 39.25
CA HIS C 33 -7.00 4.57 39.05
C HIS C 33 -5.60 4.67 38.44
N LEU C 34 -5.42 5.54 37.45
CA LEU C 34 -4.11 5.74 36.84
C LEU C 34 -3.12 6.41 37.79
N ILE C 35 -3.55 7.49 38.44
CA ILE C 35 -2.70 8.23 39.38
C ILE C 35 -2.27 7.35 40.57
N ALA C 36 -3.23 6.64 41.15
CA ALA C 36 -2.95 5.72 42.25
C ALA C 36 -2.06 4.56 41.77
N GLY C 37 -2.16 4.21 40.49
CA GLY C 37 -1.30 3.18 39.89
C GLY C 37 0.15 3.59 39.61
N GLY C 38 0.50 4.85 39.89
CA GLY C 38 1.86 5.35 39.69
C GLY C 38 2.27 5.71 38.27
N VAL C 39 1.32 6.06 37.40
CA VAL C 39 1.72 6.52 36.07
C VAL C 39 2.39 7.88 36.15
N HIS C 40 3.15 8.23 35.11
CA HIS C 40 3.97 9.44 35.15
C HIS C 40 3.31 10.64 34.44
N ALA C 41 2.38 10.40 33.53
CA ALA C 41 1.60 11.50 32.95
C ALA C 41 0.32 10.97 32.30
N LEU C 42 -0.59 11.87 31.92
CA LEU C 42 -1.82 11.49 31.24
C LEU C 42 -1.78 12.01 29.81
N PHE C 43 -2.17 11.17 28.86
CA PHE C 43 -2.19 11.54 27.45
C PHE C 43 -3.62 11.42 26.94
N VAL C 44 -4.19 12.55 26.54
CA VAL C 44 -5.58 12.55 26.06
C VAL C 44 -5.70 12.78 24.55
N LEU C 45 -6.78 12.23 24.03
CA LEU C 45 -7.16 12.35 22.63
C LEU C 45 -6.23 11.66 21.64
N GLY C 46 -5.52 10.64 22.11
CA GLY C 46 -4.74 9.81 21.21
C GLY C 46 -5.70 9.03 20.32
N THR C 47 -5.14 8.13 19.51
CA THR C 47 -5.90 7.10 18.79
C THR C 47 -6.74 6.26 19.75
N THR C 48 -6.11 5.87 20.85
CA THR C 48 -6.81 5.13 21.87
C THR C 48 -8.01 5.93 22.38
N GLY C 49 -7.91 7.25 22.31
CA GLY C 49 -9.02 8.13 22.72
C GLY C 49 -10.09 8.44 21.68
N GLU C 50 -10.04 7.79 20.51
CA GLU C 50 -11.06 7.97 19.44
C GLU C 50 -11.18 9.42 18.96
N SER C 51 -10.10 10.18 19.02
CA SER C 51 -10.22 11.62 18.87
C SER C 51 -10.97 12.02 17.61
N GLN C 52 -10.51 11.48 16.48
CA GLN C 52 -11.03 11.87 15.16
C GLN C 52 -12.51 11.57 14.96
N SER C 53 -12.99 10.51 15.61
CA SER C 53 -14.39 10.09 15.58
C SER C 53 -15.31 10.94 16.42
N LEU C 54 -14.76 11.72 17.34
CA LEU C 54 -15.59 12.55 18.21
C LEU C 54 -15.79 13.93 17.64
N SER C 55 -16.95 14.51 17.94
CA SER C 55 -17.25 15.90 17.67
C SER C 55 -16.27 16.86 18.33
N TYR C 56 -16.20 18.06 17.78
CA TYR C 56 -15.35 19.09 18.34
C TYR C 56 -15.69 19.38 19.78
N LYS C 57 -16.96 19.60 20.05
CA LYS C 57 -17.40 19.91 21.40
C LYS C 57 -16.98 18.83 22.38
N LEU C 58 -17.01 17.57 21.97
CA LEU C 58 -16.68 16.49 22.89
C LEU C 58 -15.20 16.41 23.18
N ARG C 59 -14.41 16.72 22.17
CA ARG C 59 -12.97 16.75 22.36
C ARG C 59 -12.60 17.86 23.34
N MET C 60 -13.31 18.98 23.26
CA MET C 60 -13.02 20.09 24.15
C MET C 60 -13.38 19.67 25.56
N GLU C 61 -14.50 18.97 25.73
CA GLU C 61 -14.91 18.49 27.05
C GLU C 61 -13.96 17.49 27.71
N MET C 62 -13.39 16.60 26.90
CA MET C 62 -12.42 15.66 27.40
C MET C 62 -11.16 16.40 27.92
N ILE C 63 -10.68 17.38 27.18
CA ILE C 63 -9.56 18.18 27.63
C ILE C 63 -9.88 18.88 28.98
N LYS C 64 -10.96 19.67 28.98
CA LYS C 64 -11.35 20.50 30.13
C LYS C 64 -11.50 19.62 31.37
N ASN C 65 -12.23 18.52 31.23
CA ASN C 65 -12.52 17.63 32.36
C ASN C 65 -11.30 16.90 32.87
N THR C 66 -10.50 16.39 31.95
CA THR C 66 -9.22 15.78 32.33
C THR C 66 -8.32 16.76 33.09
N CYS C 67 -8.22 18.01 32.62
CA CYS C 67 -7.38 19.01 33.30
C CYS C 67 -7.92 19.34 34.71
N ARG C 68 -9.23 19.51 34.82
CA ARG C 68 -9.91 19.75 36.09
C ARG C 68 -9.66 18.63 37.10
N ILE C 69 -10.00 17.41 36.67
CA ILE C 69 -9.88 16.26 37.54
C ILE C 69 -8.44 16.02 38.01
N ALA C 70 -7.47 16.13 37.09
CA ALA C 70 -6.08 15.81 37.41
C ALA C 70 -5.49 16.77 38.44
N LYS C 71 -5.94 18.03 38.40
CA LYS C 71 -5.69 18.99 39.46
C LYS C 71 -4.20 19.17 39.70
N GLY C 72 -3.46 19.29 38.60
CA GLY C 72 -2.02 19.42 38.62
C GLY C 72 -1.19 18.28 39.20
N ARG C 73 -1.80 17.16 39.57
CA ARG C 73 -1.06 16.07 40.22
C ARG C 73 -0.01 15.36 39.32
N LEU C 74 -0.11 15.59 38.00
CA LEU C 74 0.63 14.83 37.01
C LEU C 74 0.60 15.68 35.74
N PRO C 75 1.65 15.63 34.92
CA PRO C 75 1.54 16.35 33.66
C PRO C 75 0.44 15.79 32.75
N VAL C 76 -0.25 16.68 32.02
CA VAL C 76 -1.27 16.29 31.03
C VAL C 76 -0.78 16.70 29.66
N LEU C 77 -0.70 15.72 28.78
CA LEU C 77 -0.43 15.90 27.36
C LEU C 77 -1.71 15.75 26.56
N VAL C 78 -1.93 16.68 25.65
CA VAL C 78 -3.14 16.72 24.82
C VAL C 78 -2.71 16.49 23.37
N CYS C 79 -3.35 15.54 22.71
CA CYS C 79 -3.06 15.29 21.31
C CYS C 79 -3.88 16.27 20.49
N ILE C 80 -3.22 17.10 19.71
CA ILE C 80 -3.93 18.13 18.94
C ILE C 80 -4.08 17.78 17.47
N SER C 81 -3.72 16.55 17.10
CA SER C 81 -3.82 16.09 15.71
C SER C 81 -5.23 16.32 15.20
N ASP C 82 -5.31 16.85 13.99
CA ASP C 82 -6.58 17.13 13.38
C ASP C 82 -6.34 17.31 11.90
N THR C 83 -7.35 16.98 11.09
CA THR C 83 -7.25 17.25 9.66
C THR C 83 -7.16 18.74 9.37
N SER C 84 -7.73 19.58 10.25
CA SER C 84 -7.67 21.01 10.11
C SER C 84 -6.64 21.62 11.05
N ILE C 85 -5.69 22.36 10.50
CA ILE C 85 -4.62 22.94 11.33
C ILE C 85 -5.16 24.06 12.21
N VAL C 86 -6.09 24.85 11.69
CA VAL C 86 -6.80 25.84 12.52
C VAL C 86 -7.41 25.18 13.79
N GLU C 87 -8.12 24.07 13.60
CA GLU C 87 -8.76 23.35 14.71
C GLU C 87 -7.69 22.78 15.64
N SER C 88 -6.61 22.29 15.06
CA SER C 88 -5.47 21.83 15.86
C SER C 88 -4.92 22.93 16.79
N VAL C 89 -4.72 24.13 16.26
CA VAL C 89 -4.20 25.23 17.06
C VAL C 89 -5.21 25.58 18.17
N ASN C 90 -6.49 25.61 17.82
CA ASN C 90 -7.51 25.88 18.80
C ASN C 90 -7.51 24.86 19.95
N LEU C 91 -7.36 23.57 19.67
CA LEU C 91 -7.21 22.57 20.75
C LEU C 91 -5.97 22.86 21.61
N ALA C 92 -4.88 23.25 20.98
CA ALA C 92 -3.66 23.61 21.70
C ALA C 92 -3.90 24.79 22.66
N CYS C 93 -4.64 25.80 22.21
CA CYS C 93 -4.97 26.96 23.05
C CYS C 93 -5.91 26.60 24.19
N LEU C 94 -6.90 25.75 23.89
CA LEU C 94 -7.76 25.22 24.94
C LEU C 94 -6.92 24.53 26.01
N ALA C 95 -5.97 23.72 25.55
CA ALA C 95 -5.13 22.96 26.46
C ALA C 95 -4.34 23.87 27.38
N ALA C 96 -3.69 24.86 26.80
CA ALA C 96 -2.94 25.83 27.60
C ALA C 96 -3.87 26.54 28.58
N ASP C 97 -5.03 26.98 28.12
CA ASP C 97 -5.98 27.66 28.99
C ASP C 97 -6.38 26.85 30.23
N HIS C 98 -6.42 25.53 30.10
CA HIS C 98 -6.86 24.68 31.21
C HIS C 98 -5.74 24.00 31.94
N GLY C 99 -4.50 24.39 31.63
CA GLY C 99 -3.37 23.98 32.45
C GLY C 99 -2.65 22.72 32.02
N ALA C 100 -2.93 22.24 30.81
CA ALA C 100 -2.16 21.12 30.26
C ALA C 100 -0.70 21.55 30.12
N ASP C 101 0.20 20.57 30.10
CA ASP C 101 1.63 20.82 30.12
C ASP C 101 2.31 20.73 28.75
N ALA C 102 1.73 19.98 27.83
CA ALA C 102 2.32 19.84 26.51
C ALA C 102 1.27 19.39 25.52
N VAL C 103 1.57 19.56 24.23
CA VAL C 103 0.71 19.05 23.16
C VAL C 103 1.47 18.02 22.33
N VAL C 104 0.71 17.19 21.61
CA VAL C 104 1.23 16.08 20.81
C VAL C 104 0.60 16.17 19.43
N SER C 105 1.42 16.16 18.37
CA SER C 105 0.94 16.37 17.02
C SER C 105 1.60 15.46 16.01
N ALA C 106 0.74 14.73 15.29
CA ALA C 106 1.05 14.04 14.03
C ALA C 106 0.51 14.81 12.83
N PRO C 107 1.20 14.76 11.70
CA PRO C 107 0.64 15.46 10.55
C PRO C 107 -0.64 14.80 10.05
N PRO C 108 -1.50 15.55 9.37
CA PRO C 108 -2.78 14.97 8.94
C PRO C 108 -2.63 13.74 8.03
N TYR C 109 -3.57 12.78 8.16
CA TYR C 109 -3.52 11.50 7.38
C TYR C 109 -3.31 11.69 5.87
N TYR C 110 -3.97 12.68 5.29
CA TYR C 110 -3.85 13.00 3.86
C TYR C 110 -2.54 13.69 3.47
N PHE C 111 -1.69 14.04 4.44
CA PHE C 111 -0.49 14.87 4.16
C PHE C 111 0.69 14.02 3.76
N ALA C 112 0.52 13.32 2.63
CA ALA C 112 1.55 12.49 2.05
C ALA C 112 2.45 13.39 1.23
N THR C 113 3.63 13.68 1.77
CA THR C 113 4.51 14.67 1.17
C THR C 113 5.95 14.22 1.37
N GLY C 114 6.89 15.01 0.87
CA GLY C 114 8.30 14.74 1.13
C GLY C 114 8.64 15.32 2.50
N GLN C 115 9.84 15.01 2.96
CA GLN C 115 10.39 15.58 4.20
C GLN C 115 10.46 17.12 4.24
N PRO C 116 10.93 17.77 3.16
CA PRO C 116 11.06 19.22 3.31
C PRO C 116 9.70 19.88 3.64
N GLU C 117 8.64 19.37 3.04
CA GLU C 117 7.29 19.81 3.34
C GLU C 117 6.82 19.50 4.76
N LEU C 118 7.28 18.37 5.33
CA LEU C 118 7.03 18.06 6.76
C LEU C 118 7.68 19.10 7.66
N ILE C 119 8.96 19.35 7.40
CA ILE C 119 9.72 20.35 8.14
C ILE C 119 9.03 21.72 8.12
N GLU C 120 8.59 22.15 6.93
CA GLU C 120 7.96 23.46 6.77
C GLU C 120 6.64 23.53 7.51
N PHE C 121 5.84 22.46 7.44
CA PHE C 121 4.61 22.36 8.20
C PHE C 121 4.88 22.68 9.68
N TYR C 122 5.82 21.96 10.29
CA TYR C 122 6.14 22.18 11.70
C TYR C 122 6.75 23.55 11.98
N GLU C 123 7.58 24.03 11.07
CA GLU C 123 8.13 25.37 11.24
C GLU C 123 7.02 26.42 11.28
N HIS C 124 5.98 26.22 10.48
CA HIS C 124 4.83 27.13 10.50
C HIS C 124 3.86 26.89 11.62
N LEU C 125 3.80 25.67 12.15
CA LEU C 125 2.92 25.38 13.29
C LEU C 125 3.46 25.89 14.62
N LEU C 126 4.75 25.69 14.87
CA LEU C 126 5.32 25.95 16.20
C LEU C 126 5.12 27.36 16.76
N PRO C 127 5.29 28.39 15.92
CA PRO C 127 5.01 29.75 16.43
C PRO C 127 3.59 29.95 16.95
N GLN C 128 2.65 29.14 16.46
CA GLN C 128 1.27 29.30 16.84
C GLN C 128 0.93 28.53 18.11
N LEU C 129 1.83 27.69 18.60
CA LEU C 129 1.51 26.87 19.78
C LEU C 129 1.95 27.51 21.10
N PRO C 130 1.08 27.46 22.13
CA PRO C 130 1.40 27.98 23.47
C PRO C 130 2.03 26.96 24.43
N LEU C 131 2.22 25.72 24.00
CA LEU C 131 2.87 24.73 24.87
C LEU C 131 3.96 23.95 24.12
N PRO C 132 4.94 23.40 24.87
CA PRO C 132 5.92 22.49 24.26
C PRO C 132 5.24 21.36 23.46
N LEU C 133 5.90 20.92 22.40
CA LEU C 133 5.37 19.88 21.51
C LEU C 133 6.15 18.56 21.49
N PHE C 134 5.40 17.46 21.48
CA PHE C 134 5.88 16.13 21.11
C PHE C 134 5.42 15.83 19.68
N LEU C 135 6.35 15.38 18.84
CA LEU C 135 6.07 14.90 17.50
C LEU C 135 5.53 13.49 17.56
N TYR C 136 4.60 13.15 16.68
CA TYR C 136 3.90 11.87 16.76
C TYR C 136 3.99 11.22 15.40
N ASN C 137 4.71 10.12 15.34
CA ASN C 137 4.85 9.39 14.10
C ASN C 137 3.86 8.24 14.10
N MET C 138 2.84 8.31 13.26
N MET C 138 2.76 8.33 13.33
CA MET C 138 1.95 7.17 13.07
CA MET C 138 1.91 7.14 13.08
C MET C 138 1.77 6.87 11.60
C MET C 138 1.81 6.90 11.58
N PRO C 139 2.65 5.99 11.06
CA PRO C 139 2.99 5.91 9.64
C PRO C 139 1.88 5.44 8.70
N THR C 140 1.14 4.42 9.11
CA THR C 140 0.05 3.88 8.27
C THR C 140 -0.65 5.02 7.52
N HIS C 141 -1.02 6.06 8.27
CA HIS C 141 -1.83 7.18 7.77
C HIS C 141 -1.19 8.02 6.64
N THR C 142 0.02 8.54 6.84
CA THR C 142 0.70 9.34 5.82
C THR C 142 1.39 8.48 4.75
N LYS C 143 1.70 7.23 5.11
CA LYS C 143 2.63 6.39 4.35
C LYS C 143 4.06 6.97 4.41
N VAL C 144 4.25 8.02 5.19
CA VAL C 144 5.57 8.68 5.35
C VAL C 144 5.94 8.91 6.83
N ASN C 145 7.05 8.30 7.21
CA ASN C 145 7.62 8.45 8.54
C ASN C 145 8.33 9.79 8.60
N PHE C 146 8.46 10.35 9.80
CA PHE C 146 9.45 11.38 10.00
C PHE C 146 10.78 10.68 9.80
N ALA C 147 11.58 11.13 8.85
CA ALA C 147 12.92 10.60 8.72
C ALA C 147 13.74 11.02 9.95
N PRO C 148 14.68 10.17 10.39
CA PRO C 148 15.52 10.54 11.52
C PRO C 148 16.10 11.95 11.46
N ALA C 149 16.74 12.30 10.36
CA ALA C 149 17.29 13.65 10.22
C ALA C 149 16.21 14.73 10.32
N THR C 150 14.98 14.41 9.95
CA THR C 150 13.89 15.36 9.99
C THR C 150 13.55 15.64 11.43
N ILE C 151 13.61 14.59 12.25
CA ILE C 151 13.40 14.75 13.71
C ILE C 151 14.56 15.56 14.33
N GLN C 152 15.80 15.25 13.94
CA GLN C 152 16.96 16.04 14.36
C GLN C 152 16.71 17.51 14.18
N ARG C 153 16.28 17.82 12.98
CA ARG C 153 16.10 19.17 12.55
C ARG C 153 14.96 19.85 13.33
N ILE C 154 13.77 19.26 13.34
CA ILE C 154 12.65 19.91 14.05
C ILE C 154 12.97 20.03 15.56
N ALA C 155 13.74 19.07 16.09
CA ALA C 155 14.14 19.06 17.52
C ALA C 155 15.12 20.19 17.90
N GLU C 156 15.61 20.93 16.92
CA GLU C 156 16.43 22.11 17.20
C GLU C 156 15.60 23.17 17.91
N ASN C 157 14.33 23.30 17.52
CA ASN C 157 13.44 24.30 18.11
C ASN C 157 13.24 23.92 19.56
N PRO C 158 13.48 24.86 20.48
CA PRO C 158 13.31 24.51 21.89
C PRO C 158 11.88 24.21 22.31
N GLY C 159 10.89 24.61 21.51
CA GLY C 159 9.50 24.25 21.75
C GLY C 159 9.12 22.83 21.36
N VAL C 160 10.09 22.05 20.89
CA VAL C 160 9.85 20.64 20.55
C VAL C 160 10.68 19.81 21.51
N ILE C 161 10.03 18.98 22.32
CA ILE C 161 10.71 18.34 23.45
C ILE C 161 10.69 16.82 23.40
N GLY C 162 10.05 16.24 22.40
CA GLY C 162 9.95 14.80 22.34
C GLY C 162 9.37 14.23 21.09
N PHE C 163 9.26 12.91 21.10
CA PHE C 163 8.91 12.12 19.95
C PHE C 163 8.24 10.85 20.44
N LYS C 164 7.06 10.55 19.91
CA LYS C 164 6.33 9.30 20.19
C LYS C 164 6.21 8.48 18.90
N ASP C 165 6.61 7.20 18.94
CA ASP C 165 6.50 6.38 17.73
C ASP C 165 5.45 5.33 17.91
N SER C 166 4.55 5.24 16.94
CA SER C 166 3.56 4.15 16.91
C SER C 166 3.73 3.28 15.71
N SER C 167 4.83 3.49 15.01
N SER C 167 4.86 3.35 15.01
CA SER C 167 5.32 2.42 14.22
CA SER C 167 5.07 2.58 13.76
C SER C 167 5.70 1.41 15.29
C SER C 167 5.17 1.08 13.97
N ALA C 168 5.38 0.19 14.94
N ALA C 168 5.53 0.70 15.19
CA ALA C 168 5.90 -0.94 15.61
CA ALA C 168 5.77 -0.71 15.49
C ALA C 168 7.23 -1.28 14.97
C ALA C 168 7.08 -1.23 14.88
N ASN C 169 7.84 -0.36 14.22
CA ASN C 169 9.08 -0.69 13.51
C ASN C 169 10.29 -0.24 14.31
N THR C 170 10.99 -1.20 14.91
CA THR C 170 12.04 -0.89 15.87
C THR C 170 13.39 -0.62 15.20
N VAL C 171 13.58 -1.05 13.96
CA VAL C 171 14.73 -0.62 13.16
C VAL C 171 14.66 0.89 12.96
N TYR C 172 13.50 1.36 12.48
CA TYR C 172 13.21 2.81 12.42
C TYR C 172 13.41 3.47 13.78
N PHE C 173 12.84 2.92 14.83
CA PHE C 173 12.98 3.54 16.16
C PHE C 173 14.44 3.67 16.62
N GLN C 174 15.24 2.61 16.47
CA GLN C 174 16.67 2.67 16.78
C GLN C 174 17.44 3.68 15.93
N SER C 175 17.05 3.84 14.66
CA SER C 175 17.64 4.85 13.80
C SER C 175 17.41 6.26 14.33
N VAL C 176 16.26 6.51 14.94
CA VAL C 176 15.96 7.83 15.49
C VAL C 176 16.67 8.00 16.82
N MET C 177 16.75 6.94 17.63
CA MET C 177 17.54 6.99 18.87
C MET C 177 18.99 7.39 18.56
N TYR C 178 19.58 6.71 17.58
CA TYR C 178 20.94 7.00 17.18
C TYR C 178 21.09 8.46 16.72
N ALA C 179 20.15 8.96 15.93
CA ALA C 179 20.19 10.34 15.47
C ALA C 179 20.05 11.33 16.62
N MET C 180 19.36 10.94 17.70
CA MET C 180 19.08 11.83 18.82
C MET C 180 20.01 11.61 20.03
N LYS C 181 21.01 10.76 19.86
CA LYS C 181 21.79 10.29 21.01
C LYS C 181 22.58 11.40 21.72
N ASP C 182 22.87 12.49 21.03
CA ASP C 182 23.54 13.63 21.64
C ASP C 182 22.56 14.69 22.18
N ASN C 183 21.28 14.39 22.19
CA ASN C 183 20.30 15.26 22.83
C ASN C 183 19.48 14.38 23.76
N PRO C 184 20.08 14.03 24.90
CA PRO C 184 19.47 13.10 25.85
C PRO C 184 18.32 13.71 26.66
N ASP C 185 18.12 15.02 26.61
CA ASP C 185 16.94 15.63 27.23
C ASP C 185 15.68 15.50 26.34
N PHE C 186 15.85 14.99 25.13
CA PHE C 186 14.76 14.86 24.18
C PHE C 186 14.08 13.53 24.43
N SER C 187 12.79 13.57 24.70
CA SER C 187 12.08 12.39 25.16
C SER C 187 11.65 11.49 23.99
N MET C 188 12.02 10.22 24.09
CA MET C 188 11.81 9.20 23.05
C MET C 188 10.85 8.17 23.61
N LEU C 189 9.64 8.16 23.10
CA LEU C 189 8.56 7.36 23.66
C LEU C 189 8.03 6.38 22.64
N VAL C 190 7.57 5.23 23.11
CA VAL C 190 7.12 4.16 22.28
C VAL C 190 5.65 3.90 22.57
N GLY C 191 4.82 3.84 21.53
CA GLY C 191 3.39 3.63 21.73
C GLY C 191 3.05 2.19 22.07
N PRO C 192 3.34 1.28 21.15
CA PRO C 192 2.84 -0.09 21.29
C PRO C 192 3.47 -0.78 22.49
N GLU C 193 2.63 -1.31 23.37
CA GLU C 193 3.12 -1.82 24.64
C GLU C 193 3.96 -3.08 24.53
N GLU C 194 3.74 -3.86 23.47
CA GLU C 194 4.44 -5.14 23.27
C GLU C 194 5.96 -4.97 23.11
N ILE C 195 6.39 -3.77 22.71
CA ILE C 195 7.81 -3.47 22.48
C ILE C 195 8.37 -2.42 23.48
N MET C 196 7.60 -2.09 24.52
CA MET C 196 8.02 -1.10 25.51
C MET C 196 9.23 -1.60 26.27
N ALA C 197 9.20 -2.84 26.73
CA ALA C 197 10.32 -3.37 27.51
C ALA C 197 11.61 -3.37 26.73
N GLU C 198 11.60 -3.97 25.54
CA GLU C 198 12.83 -4.08 24.78
C GLU C 198 13.37 -2.72 24.39
N SER C 199 12.47 -1.76 24.13
CA SER C 199 12.89 -0.41 23.76
C SER C 199 13.47 0.34 24.95
N VAL C 200 12.82 0.19 26.10
CA VAL C 200 13.35 0.80 27.31
C VAL C 200 14.69 0.20 27.71
N LEU C 201 14.87 -1.11 27.58
CA LEU C 201 16.19 -1.73 27.82
C LEU C 201 17.32 -1.04 27.05
N LEU C 202 16.99 -0.61 25.83
CA LEU C 202 17.92 0.07 24.94
C LEU C 202 17.79 1.57 24.99
N GLY C 203 17.24 2.10 26.07
CA GLY C 203 17.34 3.52 26.37
C GLY C 203 16.15 4.39 26.01
N ALA C 204 15.06 3.81 25.52
CA ALA C 204 13.84 4.58 25.30
C ALA C 204 13.38 5.09 26.66
N HIS C 205 12.83 6.29 26.70
CA HIS C 205 12.40 6.91 27.96
C HIS C 205 11.12 6.40 28.57
N GLY C 206 10.23 5.82 27.77
CA GLY C 206 8.91 5.51 28.29
C GLY C 206 7.99 4.91 27.25
N GLY C 207 6.80 4.52 27.70
CA GLY C 207 5.81 3.85 26.88
C GLY C 207 4.48 4.56 27.04
N VAL C 208 3.84 4.84 25.91
CA VAL C 208 2.51 5.47 25.87
C VAL C 208 1.56 4.32 25.61
N ASN C 209 1.30 3.55 26.67
CA ASN C 209 0.78 2.19 26.54
C ASN C 209 -0.67 2.08 26.97
N GLY C 210 -1.54 1.77 26.02
CA GLY C 210 -2.97 1.69 26.28
C GLY C 210 -3.44 0.70 27.31
N GLY C 211 -2.73 -0.42 27.45
CA GLY C 211 -3.07 -1.42 28.46
C GLY C 211 -2.92 -0.91 29.88
N ALA C 212 -2.14 0.16 30.06
CA ALA C 212 -2.01 0.78 31.37
C ALA C 212 -3.30 1.47 31.87
N ASN C 213 -4.23 1.77 30.97
CA ASN C 213 -5.60 2.14 31.39
C ASN C 213 -6.21 1.06 32.32
N MET C 214 -5.99 -0.21 31.98
CA MET C 214 -6.45 -1.35 32.79
C MET C 214 -5.58 -1.63 34.02
N PHE C 215 -4.28 -1.85 33.80
CA PHE C 215 -3.40 -2.40 34.83
C PHE C 215 -2.15 -1.53 34.94
N PRO C 216 -2.32 -0.32 35.49
CA PRO C 216 -1.22 0.61 35.43
C PRO C 216 0.04 0.11 36.14
N GLU C 217 -0.15 -0.59 37.26
CA GLU C 217 0.97 -1.12 38.05
C GLU C 217 1.81 -2.15 37.31
N LEU C 218 1.15 -2.97 36.49
CA LEU C 218 1.87 -3.93 35.65
C LEU C 218 2.88 -3.20 34.73
N TYR C 219 2.40 -2.19 34.00
CA TYR C 219 3.23 -1.51 33.00
C TYR C 219 4.34 -0.69 33.68
N VAL C 220 4.02 -0.13 34.85
CA VAL C 220 5.00 0.67 35.58
C VAL C 220 6.06 -0.28 36.13
N SER C 221 5.65 -1.46 36.58
CA SER C 221 6.65 -2.45 37.05
C SER C 221 7.56 -2.90 35.91
N LEU C 222 6.96 -3.19 34.77
CA LEU C 222 7.74 -3.65 33.65
C LEU C 222 8.72 -2.59 33.18
N TYR C 223 8.27 -1.34 33.18
CA TYR C 223 9.10 -0.22 32.80
C TYR C 223 10.32 -0.14 33.71
N ASN C 224 10.09 -0.23 35.01
CA ASN C 224 11.20 -0.13 35.96
C ASN C 224 12.14 -1.30 35.85
N ALA C 225 11.58 -2.50 35.70
CA ALA C 225 12.41 -3.68 35.47
C ALA C 225 13.33 -3.48 34.26
N ALA C 226 12.75 -2.97 33.19
CA ALA C 226 13.47 -2.78 31.94
C ALA C 226 14.53 -1.71 32.13
N LYS C 227 14.14 -0.62 32.76
CA LYS C 227 15.09 0.44 33.07
C LYS C 227 16.32 -0.06 33.84
N ASN C 228 16.11 -0.90 34.86
CA ASN C 228 17.20 -1.44 35.68
C ASN C 228 17.70 -2.81 35.20
N ALA C 229 17.24 -3.27 34.04
CA ALA C 229 17.63 -4.58 33.48
C ALA C 229 17.56 -5.71 34.53
N ASP C 230 16.46 -5.76 35.25
CA ASP C 230 16.12 -6.92 36.07
C ASP C 230 15.42 -7.94 35.13
N MET C 231 16.24 -8.76 34.51
CA MET C 231 15.82 -9.58 33.36
C MET C 231 14.78 -10.62 33.72
N GLU C 232 14.80 -11.14 34.96
CA GLU C 232 13.80 -12.13 35.38
C GLU C 232 12.43 -11.47 35.48
N GLU C 233 12.39 -10.27 36.02
CA GLU C 233 11.15 -9.51 36.10
C GLU C 233 10.70 -9.07 34.70
N VAL C 234 11.65 -8.64 33.86
CA VAL C 234 11.28 -8.27 32.50
C VAL C 234 10.60 -9.44 31.80
N ARG C 235 11.19 -10.63 31.90
CA ARG C 235 10.63 -11.82 31.24
C ARG C 235 9.26 -12.24 31.80
N ARG C 236 9.14 -12.25 33.12
CA ARG C 236 7.89 -12.61 33.78
C ARG C 236 6.80 -11.59 33.41
N LEU C 237 7.13 -10.30 33.49
CA LEU C 237 6.13 -9.27 33.24
C LEU C 237 5.83 -9.10 31.76
N GLN C 238 6.83 -9.25 30.90
CA GLN C 238 6.57 -9.26 29.45
C GLN C 238 5.55 -10.33 29.04
N GLU C 239 5.64 -11.53 29.62
CA GLU C 239 4.69 -12.56 29.29
C GLU C 239 3.24 -12.17 29.65
N LYS C 240 3.06 -11.37 30.69
CA LYS C 240 1.73 -10.90 31.04
C LYS C 240 1.21 -9.87 30.04
N VAL C 241 2.08 -8.95 29.63
CA VAL C 241 1.71 -7.92 28.66
C VAL C 241 1.35 -8.65 27.37
N MET C 242 2.11 -9.68 27.02
CA MET C 242 1.83 -10.37 25.78
C MET C 242 0.53 -11.20 25.84
N GLN C 243 0.22 -11.76 27.00
CA GLN C 243 -1.05 -12.49 27.15
C GLN C 243 -2.24 -11.56 26.98
N ILE C 244 -2.16 -10.40 27.61
CA ILE C 244 -3.12 -9.33 27.41
C ILE C 244 -3.28 -9.00 25.93
N SER C 245 -2.16 -8.83 25.23
CA SER C 245 -2.18 -8.42 23.82
C SER C 245 -2.89 -9.46 22.98
N ALA C 246 -2.53 -10.72 23.22
CA ALA C 246 -3.11 -11.85 22.50
C ALA C 246 -4.58 -12.14 22.85
N THR C 247 -5.04 -11.72 24.05
CA THR C 247 -6.37 -12.16 24.56
C THR C 247 -7.41 -11.04 24.74
N ILE C 248 -6.98 -9.85 25.12
CA ILE C 248 -7.90 -8.71 25.31
C ILE C 248 -8.12 -7.95 24.01
N TYR C 249 -7.13 -7.97 23.11
CA TYR C 249 -7.17 -7.12 21.91
C TYR C 249 -7.56 -7.82 20.61
N THR C 250 -7.84 -9.12 20.66
CA THR C 250 -8.07 -9.90 19.44
C THR C 250 -9.47 -10.47 19.26
N VAL C 251 -10.46 -9.91 19.94
CA VAL C 251 -11.79 -10.49 19.91
C VAL C 251 -12.64 -9.96 18.74
N GLY C 252 -12.49 -8.70 18.38
CA GLY C 252 -13.22 -8.15 17.22
C GLY C 252 -13.33 -9.02 15.97
N GLN C 253 -14.56 -9.25 15.52
CA GLN C 253 -14.83 -9.76 14.17
C GLN C 253 -15.25 -8.61 13.20
N HIS C 254 -15.11 -7.34 13.63
CA HIS C 254 -15.60 -6.17 12.87
C HIS C 254 -14.64 -4.95 12.76
N GLY C 255 -13.41 -5.06 13.25
CA GLY C 255 -12.45 -3.94 13.25
C GLY C 255 -12.39 -3.25 14.60
N SER C 256 -11.35 -2.43 14.78
CA SER C 256 -10.99 -1.82 16.08
C SER C 256 -11.21 -2.76 17.28
N SER C 257 -10.58 -3.92 17.15
CA SER C 257 -10.55 -4.97 18.16
C SER C 257 -9.84 -4.53 19.45
N TYR C 258 -8.75 -3.78 19.30
CA TYR C 258 -7.98 -3.26 20.41
C TYR C 258 -8.88 -2.28 21.22
N LEU C 259 -9.40 -1.26 20.56
CA LEU C 259 -10.21 -0.27 21.27
C LEU C 259 -11.46 -0.87 21.95
N LYS C 260 -12.22 -1.70 21.22
CA LYS C 260 -13.38 -2.42 21.78
C LYS C 260 -13.01 -3.33 22.96
N GLY C 261 -11.89 -4.02 22.87
CA GLY C 261 -11.46 -4.91 23.94
C GLY C 261 -11.06 -4.12 25.18
N LEU C 262 -10.28 -3.08 24.95
CA LEU C 262 -9.82 -2.22 26.03
C LEU C 262 -11.01 -1.64 26.78
N LYS C 263 -11.95 -1.04 26.04
CA LYS C 263 -13.13 -0.39 26.61
C LYS C 263 -14.09 -1.35 27.31
N CYS C 264 -14.28 -2.52 26.72
CA CYS C 264 -15.04 -3.59 27.35
C CYS C 264 -14.43 -3.99 28.71
N ALA C 265 -13.13 -4.27 28.70
CA ALA C 265 -12.41 -4.61 29.92
C ALA C 265 -12.53 -3.50 30.96
N LEU C 266 -12.46 -2.24 30.54
CA LEU C 266 -12.56 -1.15 31.50
C LEU C 266 -13.91 -1.12 32.21
N SER C 267 -14.98 -1.41 31.46
CA SER C 267 -16.32 -1.51 32.01
C SER C 267 -16.38 -2.73 32.94
N LEU C 268 -15.91 -3.88 32.48
CA LEU C 268 -15.89 -5.07 33.33
C LEU C 268 -15.15 -4.87 34.66
N LEU C 269 -14.06 -4.09 34.64
CA LEU C 269 -13.31 -3.74 35.86
C LEU C 269 -14.01 -2.66 36.69
N GLY C 270 -15.18 -2.19 36.27
CA GLY C 270 -15.92 -1.18 37.03
C GLY C 270 -15.32 0.22 36.94
N ILE C 271 -14.49 0.48 35.94
CA ILE C 271 -13.80 1.76 35.84
C ILE C 271 -14.59 2.82 35.07
N CYS C 272 -15.00 2.50 33.87
CA CYS C 272 -15.72 3.49 33.06
C CYS C 272 -16.57 2.82 31.99
N SER C 273 -17.39 3.62 31.33
CA SER C 273 -18.31 3.11 30.31
C SER C 273 -17.56 2.48 29.15
N ASP C 274 -18.12 1.42 28.58
CA ASP C 274 -17.54 0.79 27.40
C ASP C 274 -18.19 1.31 26.09
N TYR C 275 -19.04 2.34 26.18
CA TYR C 275 -19.62 2.88 24.95
C TYR C 275 -18.56 3.37 23.94
N VAL C 276 -18.62 2.83 22.72
CA VAL C 276 -17.74 3.19 21.63
C VAL C 276 -18.49 4.08 20.62
N ALA C 277 -17.86 5.17 20.19
CA ALA C 277 -18.51 6.11 19.27
C ALA C 277 -18.77 5.55 17.85
N ALA C 278 -19.95 5.87 17.31
CA ALA C 278 -20.29 5.59 15.91
C ALA C 278 -19.22 6.21 15.04
N PRO C 279 -18.88 5.57 13.90
CA PRO C 279 -19.54 4.45 13.21
C PRO C 279 -19.27 3.03 13.79
N PHE C 280 -18.39 2.92 14.78
CA PHE C 280 -18.13 1.66 15.46
C PHE C 280 -19.15 1.46 16.60
N HIS C 281 -19.11 0.26 17.22
CA HIS C 281 -20.08 -0.13 18.28
C HIS C 281 -19.43 -1.00 19.33
N LYS C 282 -19.85 -0.86 20.58
CA LYS C 282 -19.29 -1.68 21.66
C LYS C 282 -19.60 -3.16 21.47
N PHE C 283 -18.76 -3.98 22.09
CA PHE C 283 -18.99 -5.42 22.12
C PHE C 283 -20.34 -5.72 22.74
N GLU C 284 -21.12 -6.59 22.09
CA GLU C 284 -22.31 -7.17 22.68
C GLU C 284 -21.88 -8.34 23.55
N GLN C 285 -22.85 -9.03 24.18
CA GLN C 285 -22.56 -10.01 25.23
C GLN C 285 -21.64 -11.17 24.85
N ARG C 286 -21.79 -11.75 23.66
CA ARG C 286 -20.90 -12.86 23.25
C ARG C 286 -19.40 -12.45 23.35
N GLU C 287 -19.07 -11.31 22.77
CA GLU C 287 -17.67 -10.88 22.69
C GLU C 287 -17.23 -10.42 24.09
N ARG C 288 -18.13 -9.71 24.76
CA ARG C 288 -17.91 -9.23 26.11
C ARG C 288 -17.56 -10.39 27.01
N GLY C 289 -18.30 -11.49 26.86
CA GLY C 289 -18.07 -12.71 27.62
C GLY C 289 -16.66 -13.25 27.42
N LYS C 290 -16.19 -13.21 26.18
CA LYS C 290 -14.81 -13.62 25.91
C LYS C 290 -13.79 -12.73 26.62
N ILE C 291 -14.07 -11.44 26.69
CA ILE C 291 -13.17 -10.50 27.34
C ILE C 291 -13.15 -10.77 28.87
N TRP C 292 -14.31 -11.12 29.41
CA TRP C 292 -14.44 -11.51 30.82
C TRP C 292 -13.55 -12.68 31.15
N LYS C 293 -13.63 -13.70 30.32
CA LYS C 293 -12.91 -14.92 30.53
C LYS C 293 -11.40 -14.64 30.40
N ALA C 294 -11.02 -13.90 29.36
CA ALA C 294 -9.62 -13.53 29.18
C ALA C 294 -9.11 -12.84 30.44
N LEU C 295 -9.91 -11.93 30.99
CA LEU C 295 -9.53 -11.21 32.21
C LEU C 295 -9.34 -12.15 33.37
N GLN C 296 -10.26 -13.09 33.55
CA GLN C 296 -10.09 -14.03 34.64
C GLN C 296 -8.82 -14.87 34.47
N ASN C 297 -8.45 -15.21 33.23
CA ASN C 297 -7.24 -16.06 32.97
C ASN C 297 -5.91 -15.35 33.14
N LEU C 298 -5.93 -14.02 33.18
CA LEU C 298 -4.73 -13.22 33.53
C LEU C 298 -4.48 -13.34 35.01
N GLY C 299 -5.53 -13.10 35.79
CA GLY C 299 -5.48 -13.08 37.23
C GLY C 299 -4.82 -11.79 37.72
N MET D 1 -34.21 20.05 -9.28
CA MET D 1 -33.32 18.88 -9.04
C MET D 1 -33.73 17.70 -9.90
N ASN D 2 -33.14 17.60 -11.10
CA ASN D 2 -33.45 16.54 -12.08
C ASN D 2 -32.99 15.17 -11.65
N ILE D 3 -33.82 14.20 -11.94
CA ILE D 3 -33.55 12.82 -11.66
C ILE D 3 -33.53 12.13 -13.00
N PRO D 4 -32.40 11.56 -13.40
CA PRO D 4 -31.08 11.49 -12.78
C PRO D 4 -30.27 12.75 -13.01
N LEU D 5 -29.55 13.20 -12.00
CA LEU D 5 -28.73 14.37 -12.17
C LEU D 5 -27.70 13.99 -13.19
N SER D 6 -27.48 14.88 -14.17
CA SER D 6 -26.64 14.62 -15.33
C SER D 6 -25.80 15.84 -15.74
N GLY D 7 -24.81 15.63 -16.58
CA GLY D 7 -24.01 16.75 -17.12
C GLY D 7 -22.74 17.00 -16.34
N ILE D 8 -22.32 18.27 -16.34
CA ILE D 8 -21.09 18.70 -15.69
C ILE D 8 -21.43 19.35 -14.36
N ILE D 9 -20.83 18.77 -13.32
CA ILE D 9 -21.07 19.17 -11.94
C ILE D 9 -19.75 19.49 -11.29
N PRO D 10 -19.32 20.73 -11.41
CA PRO D 10 -18.00 21.02 -10.92
C PRO D 10 -17.86 20.93 -9.40
N PRO D 11 -16.77 20.29 -8.92
CA PRO D 11 -16.42 20.35 -7.51
C PRO D 11 -15.73 21.67 -7.31
N LEU D 12 -16.44 22.66 -6.78
CA LEU D 12 -15.88 23.99 -6.58
C LEU D 12 -14.66 23.97 -5.68
N VAL D 13 -13.64 24.73 -6.03
CA VAL D 13 -12.60 24.98 -5.06
C VAL D 13 -13.22 25.82 -3.95
N THR D 14 -12.63 25.77 -2.75
CA THR D 14 -12.99 26.69 -1.70
C THR D 14 -11.97 27.80 -1.70
N PRO D 15 -12.32 28.95 -2.27
CA PRO D 15 -11.35 30.03 -2.34
C PRO D 15 -11.08 30.69 -1.00
N LEU D 16 -9.80 30.93 -0.74
CA LEU D 16 -9.36 31.41 0.56
C LEU D 16 -8.47 32.64 0.48
N LEU D 17 -8.72 33.63 1.33
CA LEU D 17 -7.80 34.79 1.50
C LEU D 17 -6.72 34.47 2.54
N ASP D 18 -7.02 33.49 3.40
CA ASP D 18 -6.08 33.02 4.44
C ASP D 18 -6.57 31.65 4.98
N ASP D 19 -5.81 31.03 5.88
CA ASP D 19 -6.13 29.65 6.28
C ASP D 19 -7.58 29.52 6.70
N ASP D 20 -8.05 30.53 7.42
CA ASP D 20 -9.39 30.48 7.92
C ASP D 20 -10.29 31.61 7.42
N VAL D 21 -10.02 32.16 6.24
CA VAL D 21 -10.85 33.26 5.73
C VAL D 21 -11.31 32.98 4.29
N LEU D 22 -12.62 32.95 4.08
CA LEU D 22 -13.23 32.64 2.79
C LEU D 22 -13.08 33.81 1.84
N ASP D 23 -12.62 33.55 0.63
CA ASP D 23 -12.58 34.56 -0.43
C ASP D 23 -13.97 34.74 -1.05
N VAL D 24 -14.82 35.54 -0.41
CA VAL D 24 -16.24 35.65 -0.82
C VAL D 24 -16.42 36.21 -2.24
N GLU D 25 -15.67 37.25 -2.57
CA GLU D 25 -15.76 37.85 -3.89
C GLU D 25 -15.27 36.92 -4.95
N GLY D 26 -14.24 36.16 -4.64
CA GLY D 26 -13.72 35.15 -5.57
C GLY D 26 -14.74 34.02 -5.75
N LEU D 27 -15.40 33.63 -4.66
CA LEU D 27 -16.42 32.58 -4.72
C LEU D 27 -17.57 33.03 -5.62
N GLN D 28 -17.96 34.30 -5.47
CA GLN D 28 -18.99 34.89 -6.34
C GLN D 28 -18.60 34.88 -7.81
N ARG D 29 -17.39 35.34 -8.12
CA ARG D 29 -16.90 35.30 -9.50
C ARG D 29 -16.85 33.86 -10.01
N LEU D 30 -16.41 32.93 -9.18
CA LEU D 30 -16.33 31.53 -9.61
C LEU D 30 -17.70 30.99 -10.00
N ILE D 31 -18.65 31.16 -9.08
CA ILE D 31 -20.00 30.66 -9.32
C ILE D 31 -20.64 31.28 -10.58
N GLU D 32 -20.48 32.58 -10.81
CA GLU D 32 -21.09 33.20 -11.99
C GLU D 32 -20.43 32.66 -13.24
N HIS D 33 -19.13 32.43 -13.17
CA HIS D 33 -18.35 31.92 -14.27
C HIS D 33 -18.86 30.53 -14.62
N LEU D 34 -19.08 29.69 -13.61
CA LEU D 34 -19.61 28.33 -13.81
C LEU D 34 -21.04 28.32 -14.37
N ILE D 35 -21.91 29.14 -13.80
CA ILE D 35 -23.27 29.21 -14.25
C ILE D 35 -23.31 29.68 -15.71
N ALA D 36 -22.56 30.74 -16.05
CA ALA D 36 -22.55 31.26 -17.43
C ALA D 36 -21.90 30.24 -18.34
N GLY D 37 -21.01 29.42 -17.82
CA GLY D 37 -20.42 28.38 -18.66
C GLY D 37 -21.29 27.13 -18.91
N GLY D 38 -22.52 27.09 -18.43
CA GLY D 38 -23.44 25.98 -18.75
C GLY D 38 -23.45 24.73 -17.87
N VAL D 39 -22.81 24.77 -16.71
CA VAL D 39 -22.78 23.58 -15.85
C VAL D 39 -24.16 23.27 -15.28
N HIS D 40 -24.38 22.03 -14.84
CA HIS D 40 -25.71 21.61 -14.43
C HIS D 40 -25.93 21.58 -12.93
N ALA D 41 -24.86 21.63 -12.14
CA ALA D 41 -24.99 21.73 -10.68
C ALA D 41 -23.67 22.19 -10.09
N LEU D 42 -23.68 22.48 -8.80
CA LEU D 42 -22.48 22.88 -8.06
C LEU D 42 -22.25 21.88 -6.94
N PHE D 43 -21.03 21.39 -6.80
CA PHE D 43 -20.72 20.46 -5.74
C PHE D 43 -19.70 21.10 -4.82
N VAL D 44 -20.07 21.30 -3.56
CA VAL D 44 -19.15 21.90 -2.61
C VAL D 44 -18.58 20.94 -1.58
N LEU D 45 -17.38 21.29 -1.16
CA LEU D 45 -16.62 20.60 -0.14
C LEU D 45 -16.24 19.21 -0.55
N GLY D 46 -16.03 19.03 -1.84
CA GLY D 46 -15.35 17.85 -2.32
C GLY D 46 -13.89 17.93 -1.96
N THR D 47 -13.17 16.91 -2.42
CA THR D 47 -11.69 16.90 -2.33
C THR D 47 -11.08 18.14 -2.94
N THR D 48 -11.61 18.55 -4.08
CA THR D 48 -11.21 19.76 -4.78
C THR D 48 -11.44 20.98 -3.90
N GLY D 49 -12.42 20.88 -3.01
CA GLY D 49 -12.77 21.96 -2.10
C GLY D 49 -12.02 21.94 -0.78
N GLU D 50 -11.06 21.02 -0.64
CA GLU D 50 -10.16 20.92 0.53
C GLU D 50 -10.92 20.71 1.82
N SER D 51 -12.08 20.07 1.75
CA SER D 51 -12.92 20.04 2.94
C SER D 51 -12.25 19.53 4.23
N GLN D 52 -11.55 18.41 4.18
CA GLN D 52 -10.81 17.88 5.36
C GLN D 52 -9.94 18.92 6.09
N SER D 53 -9.27 19.73 5.27
CA SER D 53 -8.25 20.60 5.77
C SER D 53 -8.79 21.97 6.23
N LEU D 54 -10.08 22.25 6.00
CA LEU D 54 -10.68 23.51 6.47
C LEU D 54 -11.28 23.35 7.86
N SER D 55 -11.35 24.44 8.62
CA SER D 55 -12.09 24.44 9.88
C SER D 55 -13.60 24.21 9.71
N TYR D 56 -14.26 23.80 10.79
N TYR D 56 -14.31 23.78 10.77
CA TYR D 56 -15.69 23.63 10.82
CA TYR D 56 -15.78 23.62 10.69
C TYR D 56 -16.39 24.90 10.38
C TYR D 56 -16.42 24.93 10.34
N LYS D 57 -15.97 26.02 10.97
CA LYS D 57 -16.54 27.33 10.67
C LYS D 57 -16.45 27.64 9.16
N LEU D 58 -15.32 27.32 8.56
CA LEU D 58 -15.10 27.69 7.19
C LEU D 58 -15.90 26.78 6.26
N ARG D 59 -16.04 25.51 6.62
CA ARG D 59 -16.84 24.59 5.83
C ARG D 59 -18.30 25.09 5.79
N MET D 60 -18.78 25.57 6.92
CA MET D 60 -20.14 26.10 7.01
C MET D 60 -20.27 27.37 6.19
N GLU D 61 -19.26 28.24 6.25
CA GLU D 61 -19.34 29.48 5.44
C GLU D 61 -19.36 29.18 3.95
N MET D 62 -18.59 28.18 3.52
CA MET D 62 -18.60 27.79 2.11
C MET D 62 -20.02 27.38 1.69
N ILE D 63 -20.64 26.54 2.51
CA ILE D 63 -22.01 26.09 2.25
C ILE D 63 -23.00 27.26 2.22
N LYS D 64 -22.95 28.11 3.24
CA LYS D 64 -23.89 29.21 3.31
C LYS D 64 -23.71 30.18 2.16
N ASN D 65 -22.47 30.55 1.87
CA ASN D 65 -22.26 31.49 0.78
C ASN D 65 -22.62 30.92 -0.58
N THR D 66 -22.27 29.66 -0.81
CA THR D 66 -22.56 29.03 -2.08
C THR D 66 -24.11 29.00 -2.34
N CYS D 67 -24.88 28.60 -1.33
CA CYS D 67 -26.35 28.55 -1.44
C CYS D 67 -26.89 29.95 -1.66
N ARG D 68 -26.36 30.93 -0.96
CA ARG D 68 -26.82 32.32 -1.12
C ARG D 68 -26.58 32.79 -2.54
N ILE D 69 -25.35 32.62 -3.02
CA ILE D 69 -24.98 33.14 -4.33
C ILE D 69 -25.68 32.38 -5.46
N ALA D 70 -25.85 31.08 -5.32
CA ALA D 70 -26.47 30.33 -6.41
C ALA D 70 -27.90 30.83 -6.61
N LYS D 71 -28.59 31.20 -5.51
CA LYS D 71 -29.98 31.72 -5.60
C LYS D 71 -30.95 30.79 -6.32
N GLY D 72 -30.82 29.49 -6.10
CA GLY D 72 -31.76 28.51 -6.67
C GLY D 72 -31.57 28.26 -8.17
N ARG D 73 -30.59 28.92 -8.81
CA ARG D 73 -30.42 28.83 -10.25
C ARG D 73 -29.98 27.43 -10.69
N LEU D 74 -29.31 26.71 -9.79
CA LEU D 74 -28.73 25.40 -10.07
C LEU D 74 -28.82 24.53 -8.83
N PRO D 75 -28.95 23.22 -8.96
CA PRO D 75 -28.85 22.38 -7.77
C PRO D 75 -27.47 22.48 -7.09
N VAL D 76 -27.47 22.52 -5.77
CA VAL D 76 -26.26 22.53 -4.98
C VAL D 76 -26.20 21.23 -4.19
N LEU D 77 -25.06 20.53 -4.35
CA LEU D 77 -24.70 19.28 -3.69
C LEU D 77 -23.60 19.58 -2.70
N VAL D 78 -23.76 19.07 -1.48
CA VAL D 78 -22.86 19.39 -0.40
C VAL D 78 -22.26 18.10 0.08
N CYS D 79 -20.94 18.01 0.04
CA CYS D 79 -20.23 16.86 0.60
C CYS D 79 -20.18 17.00 2.12
N ILE D 80 -20.69 15.98 2.80
CA ILE D 80 -20.81 16.05 4.25
C ILE D 80 -19.87 15.06 4.93
N SER D 81 -18.99 14.44 4.16
CA SER D 81 -18.00 13.52 4.69
C SER D 81 -17.19 14.17 5.80
N ASP D 82 -17.01 13.42 6.87
CA ASP D 82 -16.24 13.88 8.00
C ASP D 82 -15.82 12.68 8.81
N THR D 83 -14.70 12.80 9.52
CA THR D 83 -14.31 11.77 10.49
C THR D 83 -15.33 11.58 11.64
N SER D 84 -16.10 12.65 11.97
CA SER D 84 -17.17 12.59 12.99
C SER D 84 -18.58 12.58 12.37
N ILE D 85 -19.35 11.54 12.63
CA ILE D 85 -20.73 11.43 12.13
C ILE D 85 -21.58 12.60 12.64
N VAL D 86 -21.36 13.06 13.87
CA VAL D 86 -22.14 14.19 14.42
C VAL D 86 -21.92 15.48 13.60
N GLU D 87 -20.66 15.78 13.29
CA GLU D 87 -20.30 16.91 12.46
C GLU D 87 -20.86 16.71 11.05
N SER D 88 -20.73 15.49 10.51
CA SER D 88 -21.35 15.18 9.24
C SER D 88 -22.86 15.53 9.19
N VAL D 89 -23.64 15.03 10.14
CA VAL D 89 -25.07 15.28 10.24
C VAL D 89 -25.37 16.78 10.39
N ASN D 90 -24.60 17.46 11.21
CA ASN D 90 -24.70 18.93 11.29
C ASN D 90 -24.53 19.67 9.98
N LEU D 91 -23.54 19.26 9.22
CA LEU D 91 -23.33 19.85 7.91
C LEU D 91 -24.52 19.58 7.00
N ALA D 92 -25.13 18.39 7.10
CA ALA D 92 -26.28 18.05 6.26
C ALA D 92 -27.45 18.96 6.60
N CYS D 93 -27.66 19.17 7.90
CA CYS D 93 -28.76 20.02 8.41
C CYS D 93 -28.56 21.47 8.03
N LEU D 94 -27.34 21.94 8.14
CA LEU D 94 -27.00 23.27 7.67
C LEU D 94 -27.29 23.42 6.17
N ALA D 95 -26.89 22.43 5.40
CA ALA D 95 -27.12 22.45 3.97
C ALA D 95 -28.61 22.52 3.65
N ALA D 96 -29.42 21.68 4.32
CA ALA D 96 -30.89 21.70 4.10
C ALA D 96 -31.46 23.06 4.42
N ASP D 97 -31.08 23.62 5.58
CA ASP D 97 -31.62 24.91 6.02
C ASP D 97 -31.33 26.01 5.00
N HIS D 98 -30.23 25.89 4.27
CA HIS D 98 -29.80 26.95 3.38
C HIS D 98 -30.17 26.67 1.94
N GLY D 99 -30.96 25.64 1.72
CA GLY D 99 -31.53 25.40 0.41
C GLY D 99 -30.77 24.43 -0.50
N ALA D 100 -29.78 23.72 -0.01
CA ALA D 100 -29.09 22.76 -0.91
C ALA D 100 -30.04 21.64 -1.29
N ASP D 101 -29.70 20.91 -2.35
CA ASP D 101 -30.63 19.90 -2.89
C ASP D 101 -30.26 18.48 -2.55
N ALA D 102 -29.01 18.23 -2.22
CA ALA D 102 -28.54 16.89 -1.91
C ALA D 102 -27.23 16.96 -1.14
N VAL D 103 -26.91 15.85 -0.50
CA VAL D 103 -25.68 15.68 0.21
C VAL D 103 -24.94 14.50 -0.39
N VAL D 104 -23.64 14.47 -0.15
CA VAL D 104 -22.74 13.52 -0.74
C VAL D 104 -21.87 13.03 0.39
N SER D 105 -21.72 11.72 0.52
CA SER D 105 -21.10 11.15 1.68
C SER D 105 -20.32 9.92 1.35
N ALA D 106 -19.12 9.91 1.90
CA ALA D 106 -18.25 8.75 1.92
C ALA D 106 -18.08 8.31 3.37
N PRO D 107 -17.95 7.01 3.60
CA PRO D 107 -17.70 6.60 4.98
C PRO D 107 -16.31 7.07 5.39
N PRO D 108 -16.09 7.32 6.69
CA PRO D 108 -14.78 7.87 7.08
C PRO D 108 -13.58 6.95 6.77
N TYR D 109 -12.43 7.54 6.45
CA TYR D 109 -11.28 6.79 5.91
C TYR D 109 -10.95 5.54 6.74
N TYR D 110 -10.91 5.72 8.05
CA TYR D 110 -10.54 4.65 9.00
C TYR D 110 -11.57 3.54 9.17
N PHE D 111 -12.65 3.52 8.40
CA PHE D 111 -13.82 2.76 8.85
C PHE D 111 -14.00 1.34 8.30
N ALA D 112 -14.38 1.22 7.03
CA ALA D 112 -15.01 -0.02 6.58
C ALA D 112 -14.07 -1.22 6.49
N THR D 113 -14.27 -2.20 7.37
CA THR D 113 -13.63 -3.50 7.25
C THR D 113 -14.15 -4.17 5.97
N GLY D 114 -15.47 -4.33 5.89
CA GLY D 114 -16.08 -5.12 4.83
C GLY D 114 -17.42 -4.55 4.42
N GLN D 115 -18.12 -5.31 3.58
CA GLN D 115 -19.36 -4.84 2.94
C GLN D 115 -20.55 -4.77 3.86
N PRO D 116 -20.75 -5.77 4.74
CA PRO D 116 -21.91 -5.67 5.60
C PRO D 116 -21.87 -4.43 6.50
N GLU D 117 -20.69 -4.04 6.98
CA GLU D 117 -20.56 -2.83 7.78
C GLU D 117 -20.83 -1.57 6.98
N LEU D 118 -20.47 -1.59 5.71
CA LEU D 118 -20.71 -0.44 4.86
C LEU D 118 -22.21 -0.25 4.81
N ILE D 119 -22.93 -1.35 4.58
CA ILE D 119 -24.38 -1.32 4.55
C ILE D 119 -24.97 -0.76 5.86
N GLU D 120 -24.46 -1.23 7.00
CA GLU D 120 -24.97 -0.79 8.30
C GLU D 120 -24.70 0.71 8.48
N PHE D 121 -23.49 1.14 8.17
CA PHE D 121 -23.13 2.55 8.29
C PHE D 121 -24.21 3.42 7.66
N TYR D 122 -24.59 3.09 6.42
CA TYR D 122 -25.58 3.89 5.71
C TYR D 122 -27.00 3.72 6.22
N GLU D 123 -27.33 2.51 6.65
CA GLU D 123 -28.60 2.26 7.32
C GLU D 123 -28.76 3.11 8.58
N HIS D 124 -27.70 3.25 9.37
CA HIS D 124 -27.74 4.16 10.53
C HIS D 124 -27.74 5.64 10.10
N LEU D 125 -27.11 5.97 8.98
CA LEU D 125 -26.94 7.37 8.63
C LEU D 125 -28.20 7.96 8.04
N LEU D 126 -28.80 7.21 7.13
CA LEU D 126 -29.90 7.72 6.34
C LEU D 126 -31.06 8.32 7.16
N PRO D 127 -31.49 7.67 8.25
CA PRO D 127 -32.62 8.26 8.94
C PRO D 127 -32.29 9.61 9.58
N GLN D 128 -31.01 9.94 9.72
CA GLN D 128 -30.61 11.22 10.26
C GLN D 128 -30.47 12.36 9.24
N LEU D 129 -30.62 12.07 7.95
CA LEU D 129 -30.34 13.05 6.90
C LEU D 129 -31.64 13.71 6.42
N PRO D 130 -31.61 15.03 6.23
CA PRO D 130 -32.76 15.77 5.71
C PRO D 130 -32.81 15.94 4.18
N LEU D 131 -31.84 15.38 3.46
CA LEU D 131 -31.80 15.58 2.02
C LEU D 131 -31.40 14.30 1.35
N PRO D 132 -31.74 14.16 0.06
CA PRO D 132 -31.27 12.96 -0.67
C PRO D 132 -29.74 12.83 -0.69
N LEU D 133 -29.27 11.59 -0.85
CA LEU D 133 -27.84 11.32 -0.69
C LEU D 133 -27.20 10.68 -1.92
N PHE D 134 -26.01 11.15 -2.26
CA PHE D 134 -25.15 10.47 -3.20
C PHE D 134 -24.05 9.79 -2.38
N LEU D 135 -23.80 8.53 -2.71
CA LEU D 135 -22.70 7.75 -2.19
C LEU D 135 -21.42 8.06 -2.94
N TYR D 136 -20.34 8.12 -2.20
CA TYR D 136 -19.07 8.62 -2.71
C TYR D 136 -18.08 7.51 -2.41
N ASN D 137 -17.48 7.03 -3.49
CA ASN D 137 -16.45 6.02 -3.47
C ASN D 137 -15.14 6.72 -3.70
N MET D 138 -14.34 6.76 -2.64
CA MET D 138 -13.07 7.44 -2.62
C MET D 138 -12.08 6.51 -1.91
N PRO D 139 -11.57 5.48 -2.62
CA PRO D 139 -10.85 4.33 -2.00
C PRO D 139 -9.40 4.57 -1.56
N THR D 140 -8.84 5.73 -1.89
CA THR D 140 -7.43 6.02 -1.62
C THR D 140 -7.04 5.74 -0.16
N HIS D 141 -7.74 6.37 0.78
CA HIS D 141 -7.49 6.16 2.20
C HIS D 141 -7.95 4.76 2.66
N THR D 142 -9.25 4.47 2.58
CA THR D 142 -9.79 3.15 2.92
C THR D 142 -9.74 2.21 1.72
N LYS D 143 -8.81 1.25 1.75
CA LYS D 143 -8.59 0.32 0.62
C LYS D 143 -9.85 -0.38 0.09
N VAL D 144 -10.91 -0.47 0.91
CA VAL D 144 -12.17 -1.15 0.54
C VAL D 144 -13.15 -0.23 -0.22
N ASN D 145 -13.63 -0.71 -1.36
CA ASN D 145 -14.61 0.01 -2.19
C ASN D 145 -16.01 -0.42 -1.79
N PHE D 146 -17.01 0.28 -2.31
CA PHE D 146 -18.35 -0.25 -2.29
C PHE D 146 -18.40 -1.34 -3.36
N ALA D 147 -18.69 -2.57 -2.96
CA ALA D 147 -18.95 -3.63 -3.91
C ALA D 147 -20.24 -3.30 -4.71
N PRO D 148 -20.32 -3.72 -5.98
CA PRO D 148 -21.50 -3.52 -6.81
C PRO D 148 -22.83 -3.87 -6.14
N ALA D 149 -22.87 -5.08 -5.59
CA ALA D 149 -24.04 -5.56 -4.86
C ALA D 149 -24.37 -4.68 -3.66
N THR D 150 -23.36 -4.10 -3.01
CA THR D 150 -23.58 -3.20 -1.90
C THR D 150 -24.29 -1.93 -2.37
N ILE D 151 -23.80 -1.34 -3.44
CA ILE D 151 -24.47 -0.21 -4.04
C ILE D 151 -25.91 -0.51 -4.43
N GLN D 152 -26.16 -1.68 -5.03
CA GLN D 152 -27.52 -2.06 -5.40
C GLN D 152 -28.40 -2.02 -4.18
N ARG D 153 -27.89 -2.58 -3.11
CA ARG D 153 -28.63 -2.74 -1.89
C ARG D 153 -28.93 -1.37 -1.25
N ILE D 154 -27.91 -0.53 -1.04
CA ILE D 154 -28.10 0.79 -0.43
C ILE D 154 -29.01 1.65 -1.30
N ALA D 155 -28.87 1.52 -2.61
CA ALA D 155 -29.67 2.32 -3.52
C ALA D 155 -31.19 2.03 -3.47
N GLU D 156 -31.60 0.94 -2.83
CA GLU D 156 -33.04 0.62 -2.70
C GLU D 156 -33.73 1.66 -1.85
N ASN D 157 -32.96 2.24 -0.91
CA ASN D 157 -33.48 3.28 -0.05
C ASN D 157 -33.87 4.45 -0.92
N PRO D 158 -35.10 4.95 -0.74
CA PRO D 158 -35.48 6.08 -1.60
C PRO D 158 -34.67 7.34 -1.31
N GLY D 159 -34.03 7.43 -0.15
CA GLY D 159 -33.15 8.57 0.15
C GLY D 159 -31.75 8.52 -0.49
N VAL D 160 -31.46 7.46 -1.25
CA VAL D 160 -30.18 7.32 -1.94
C VAL D 160 -30.42 7.42 -3.43
N ILE D 161 -29.81 8.42 -4.07
CA ILE D 161 -30.22 8.76 -5.42
C ILE D 161 -29.12 8.69 -6.45
N GLY D 162 -27.90 8.44 -6.00
CA GLY D 162 -26.79 8.28 -6.92
C GLY D 162 -25.47 7.90 -6.27
N PHE D 163 -24.44 7.92 -7.11
CA PHE D 163 -23.13 7.38 -6.83
C PHE D 163 -22.11 8.17 -7.65
N LYS D 164 -21.07 8.62 -6.96
CA LYS D 164 -19.94 9.32 -7.56
C LYS D 164 -18.70 8.46 -7.31
N ASP D 165 -17.95 8.16 -8.36
CA ASP D 165 -16.71 7.42 -8.18
C ASP D 165 -15.50 8.25 -8.53
N SER D 166 -14.51 8.26 -7.63
CA SER D 166 -13.20 8.85 -7.90
C SER D 166 -12.07 7.86 -7.86
N SER D 167 -12.41 6.59 -7.90
N SER D 167 -12.32 6.55 -7.93
CA SER D 167 -11.47 5.68 -8.44
CA SER D 167 -11.21 5.55 -7.84
C SER D 167 -11.44 6.16 -9.88
C SER D 167 -10.32 5.56 -9.09
N ALA D 168 -10.24 6.08 -10.40
N ALA D 168 -10.88 6.13 -10.16
CA ALA D 168 -9.99 6.14 -11.80
CA ALA D 168 -10.22 6.19 -11.48
C ALA D 168 -10.07 4.70 -12.34
C ALA D 168 -10.08 4.81 -12.19
N ASN D 169 -10.70 3.78 -11.60
CA ASN D 169 -10.67 2.37 -12.04
C ASN D 169 -11.98 2.12 -12.75
N THR D 170 -11.95 2.12 -14.07
CA THR D 170 -13.17 2.00 -14.88
C THR D 170 -13.64 0.55 -15.03
N VAL D 171 -12.80 -0.44 -14.70
CA VAL D 171 -13.28 -1.81 -14.65
C VAL D 171 -14.32 -1.84 -13.54
N TYR D 172 -13.95 -1.27 -12.39
CA TYR D 172 -14.84 -1.14 -11.25
C TYR D 172 -16.08 -0.33 -11.61
N PHE D 173 -15.89 0.82 -12.24
CA PHE D 173 -17.01 1.65 -12.56
C PHE D 173 -17.99 0.90 -13.49
N GLN D 174 -17.49 0.16 -14.49
CA GLN D 174 -18.36 -0.58 -15.43
C GLN D 174 -19.14 -1.68 -14.67
N SER D 175 -18.51 -2.27 -13.66
CA SER D 175 -19.14 -3.26 -12.81
C SER D 175 -20.30 -2.72 -12.03
N VAL D 176 -20.16 -1.49 -11.55
CA VAL D 176 -21.29 -0.84 -10.88
C VAL D 176 -22.36 -0.45 -11.91
N MET D 177 -21.98 0.05 -13.09
CA MET D 177 -22.95 0.37 -14.17
C MET D 177 -23.83 -0.85 -14.48
N TYR D 178 -23.20 -2.01 -14.65
CA TYR D 178 -23.92 -3.24 -14.95
C TYR D 178 -24.82 -3.64 -13.79
N ALA D 179 -24.34 -3.49 -12.56
CA ALA D 179 -25.21 -3.80 -11.41
C ALA D 179 -26.46 -2.89 -11.33
N MET D 180 -26.37 -1.66 -11.82
CA MET D 180 -27.40 -0.64 -11.66
C MET D 180 -28.19 -0.41 -12.92
N LYS D 181 -27.99 -1.29 -13.91
CA LYS D 181 -28.54 -1.06 -15.22
C LYS D 181 -30.05 -1.15 -15.31
N ASP D 182 -30.71 -1.80 -14.35
CA ASP D 182 -32.18 -1.76 -14.31
C ASP D 182 -32.73 -0.64 -13.40
N ASN D 183 -31.88 0.31 -13.02
CA ASN D 183 -32.32 1.50 -12.26
C ASN D 183 -31.83 2.74 -12.96
N PRO D 184 -32.45 3.08 -14.08
CA PRO D 184 -31.92 4.21 -14.86
C PRO D 184 -32.06 5.60 -14.19
N ASP D 185 -32.86 5.72 -13.13
CA ASP D 185 -32.99 6.98 -12.37
C ASP D 185 -31.86 7.24 -11.36
N PHE D 186 -31.04 6.22 -11.11
CA PHE D 186 -29.95 6.34 -10.18
C PHE D 186 -28.75 6.96 -10.89
N SER D 187 -28.34 8.13 -10.43
CA SER D 187 -27.27 8.90 -11.08
C SER D 187 -25.88 8.29 -10.83
N MET D 188 -25.19 7.97 -11.91
CA MET D 188 -23.86 7.42 -11.93
C MET D 188 -22.89 8.48 -12.46
N LEU D 189 -22.08 9.03 -11.55
CA LEU D 189 -21.18 10.15 -11.86
C LEU D 189 -19.73 9.73 -11.75
N VAL D 190 -18.89 10.28 -12.62
CA VAL D 190 -17.45 10.07 -12.57
C VAL D 190 -16.72 11.33 -12.16
N GLY D 191 -15.77 11.21 -11.23
CA GLY D 191 -14.99 12.37 -10.77
C GLY D 191 -13.92 12.82 -11.75
N PRO D 192 -12.97 11.92 -12.07
CA PRO D 192 -11.81 12.34 -12.84
C PRO D 192 -12.19 12.67 -14.28
N GLU D 193 -11.81 13.87 -14.72
CA GLU D 193 -12.28 14.45 -15.97
C GLU D 193 -11.63 13.79 -17.17
N GLU D 194 -10.48 13.15 -16.96
CA GLU D 194 -9.77 12.51 -18.04
C GLU D 194 -10.51 11.29 -18.58
N ILE D 195 -11.41 10.72 -17.78
CA ILE D 195 -12.24 9.59 -18.22
C ILE D 195 -13.74 9.92 -18.31
N MET D 196 -14.06 11.20 -18.28
CA MET D 196 -15.46 11.62 -18.38
C MET D 196 -16.06 11.23 -19.74
N ALA D 197 -15.32 11.51 -20.81
CA ALA D 197 -15.84 11.29 -22.15
C ALA D 197 -16.15 9.81 -22.38
N GLU D 198 -15.17 8.96 -22.14
CA GLU D 198 -15.34 7.53 -22.37
C GLU D 198 -16.45 6.93 -21.47
N SER D 199 -16.58 7.43 -20.23
CA SER D 199 -17.60 6.95 -19.33
C SER D 199 -19.00 7.40 -19.80
N VAL D 200 -19.14 8.64 -20.22
CA VAL D 200 -20.43 9.14 -20.70
C VAL D 200 -20.80 8.41 -21.97
N LEU D 201 -19.85 8.16 -22.87
CA LEU D 201 -20.15 7.32 -24.04
C LEU D 201 -20.77 6.02 -23.66
N LEU D 202 -20.37 5.45 -22.53
CA LEU D 202 -20.91 4.16 -22.12
C LEU D 202 -22.02 4.29 -21.09
N GLY D 203 -22.64 5.45 -21.00
CA GLY D 203 -23.87 5.58 -20.21
C GLY D 203 -23.76 6.32 -18.91
N ALA D 204 -22.55 6.71 -18.46
CA ALA D 204 -22.46 7.48 -17.23
C ALA D 204 -23.28 8.75 -17.41
N HIS D 205 -23.86 9.25 -16.32
CA HIS D 205 -24.70 10.46 -16.35
C HIS D 205 -23.95 11.77 -16.35
N GLY D 206 -22.74 11.78 -15.83
CA GLY D 206 -22.04 13.05 -15.75
C GLY D 206 -20.67 12.98 -15.12
N GLY D 207 -20.06 14.16 -15.08
CA GLY D 207 -18.70 14.31 -14.61
C GLY D 207 -18.63 15.33 -13.52
N VAL D 208 -17.99 14.96 -12.41
CA VAL D 208 -17.73 15.90 -11.33
C VAL D 208 -16.32 16.41 -11.55
N ASN D 209 -16.15 17.30 -12.52
CA ASN D 209 -14.81 17.58 -13.05
C ASN D 209 -14.20 18.89 -12.57
N GLY D 210 -13.09 18.82 -11.83
CA GLY D 210 -12.43 20.01 -11.32
C GLY D 210 -11.98 21.04 -12.34
N GLY D 211 -11.55 20.60 -13.51
CA GLY D 211 -11.11 21.51 -14.57
C GLY D 211 -12.19 22.50 -14.96
N ALA D 212 -13.44 22.12 -14.73
CA ALA D 212 -14.53 23.00 -15.09
C ALA D 212 -14.57 24.29 -14.25
N ASN D 213 -13.86 24.33 -13.11
CA ASN D 213 -13.65 25.60 -12.39
C ASN D 213 -12.96 26.58 -13.33
N MET D 214 -11.96 26.10 -14.08
CA MET D 214 -11.26 26.93 -15.05
C MET D 214 -12.04 27.22 -16.35
N PHE D 215 -12.45 26.16 -17.04
CA PHE D 215 -12.94 26.24 -18.41
C PHE D 215 -14.22 25.43 -18.49
N PRO D 216 -15.29 25.91 -17.87
CA PRO D 216 -16.54 25.12 -17.83
C PRO D 216 -17.05 24.74 -19.23
N GLU D 217 -16.86 25.63 -20.21
N GLU D 217 -16.88 25.63 -20.21
CA GLU D 217 -17.39 25.43 -21.58
CA GLU D 217 -17.41 25.39 -21.57
C GLU D 217 -16.77 24.21 -22.28
C GLU D 217 -16.78 24.19 -22.28
N LEU D 218 -15.50 23.94 -22.00
CA LEU D 218 -14.79 22.81 -22.59
C LEU D 218 -15.40 21.46 -22.11
N TYR D 219 -15.62 21.33 -20.81
CA TYR D 219 -16.18 20.09 -20.26
C TYR D 219 -17.67 19.91 -20.66
N VAL D 220 -18.45 21.00 -20.66
CA VAL D 220 -19.84 20.95 -21.14
C VAL D 220 -19.87 20.51 -22.61
N SER D 221 -19.06 21.14 -23.47
CA SER D 221 -19.02 20.72 -24.87
C SER D 221 -18.59 19.25 -25.02
N LEU D 222 -17.66 18.82 -24.19
CA LEU D 222 -17.22 17.44 -24.28
C LEU D 222 -18.29 16.48 -23.81
N TYR D 223 -18.96 16.84 -22.72
CA TYR D 223 -20.06 16.01 -22.23
C TYR D 223 -21.14 15.81 -23.31
N ASN D 224 -21.49 16.91 -23.98
CA ASN D 224 -22.52 16.86 -25.01
C ASN D 224 -22.10 16.05 -26.21
N ALA D 225 -20.82 16.17 -26.59
CA ALA D 225 -20.30 15.41 -27.70
C ALA D 225 -20.27 13.90 -27.37
N ALA D 226 -19.94 13.57 -26.13
CA ALA D 226 -19.96 12.19 -25.67
C ALA D 226 -21.39 11.64 -25.64
N LYS D 227 -22.29 12.37 -25.02
CA LYS D 227 -23.71 12.06 -25.04
C LYS D 227 -24.26 11.76 -26.43
N ASN D 228 -23.89 12.56 -27.41
CA ASN D 228 -24.35 12.38 -28.77
C ASN D 228 -23.44 11.48 -29.60
N ALA D 229 -22.37 10.92 -29.03
CA ALA D 229 -21.42 10.12 -29.80
C ALA D 229 -20.96 10.84 -31.10
N ASP D 230 -20.74 12.15 -31.00
CA ASP D 230 -19.97 12.90 -32.04
C ASP D 230 -18.46 12.66 -31.86
N MET D 231 -17.98 11.56 -32.45
CA MET D 231 -16.64 11.06 -32.20
C MET D 231 -15.52 12.00 -32.60
N GLU D 232 -15.65 12.67 -33.74
CA GLU D 232 -14.65 13.69 -34.14
C GLU D 232 -14.47 14.79 -33.09
N GLU D 233 -15.59 15.24 -32.56
CA GLU D 233 -15.60 16.27 -31.55
C GLU D 233 -15.15 15.72 -30.20
N VAL D 234 -15.58 14.52 -29.85
CA VAL D 234 -15.05 13.87 -28.63
C VAL D 234 -13.51 13.83 -28.67
N ARG D 235 -12.94 13.33 -29.75
CA ARG D 235 -11.47 13.26 -29.85
C ARG D 235 -10.76 14.62 -29.84
N ARG D 236 -11.36 15.62 -30.50
CA ARG D 236 -10.79 16.96 -30.55
C ARG D 236 -10.71 17.53 -29.14
N LEU D 237 -11.82 17.47 -28.41
CA LEU D 237 -11.87 18.05 -27.08
C LEU D 237 -11.15 17.24 -26.03
N GLN D 238 -11.15 15.90 -26.16
CA GLN D 238 -10.46 15.01 -25.21
C GLN D 238 -8.97 15.36 -25.17
N GLU D 239 -8.37 15.69 -26.31
CA GLU D 239 -7.00 16.15 -26.38
C GLU D 239 -6.71 17.41 -25.56
N LYS D 240 -7.62 18.38 -25.61
CA LYS D 240 -7.48 19.58 -24.81
C LYS D 240 -7.58 19.24 -23.33
N VAL D 241 -8.52 18.36 -22.96
CA VAL D 241 -8.67 17.96 -21.57
C VAL D 241 -7.33 17.31 -21.12
N MET D 242 -6.72 16.51 -21.97
CA MET D 242 -5.53 15.77 -21.53
C MET D 242 -4.35 16.69 -21.48
N GLN D 243 -4.37 17.75 -22.30
CA GLN D 243 -3.31 18.73 -22.28
C GLN D 243 -3.36 19.50 -20.96
N ILE D 244 -4.56 19.89 -20.56
CA ILE D 244 -4.75 20.57 -19.28
C ILE D 244 -4.27 19.67 -18.14
N SER D 245 -4.65 18.39 -18.17
CA SER D 245 -4.22 17.43 -17.18
C SER D 245 -2.72 17.28 -17.10
N ALA D 246 -2.03 17.23 -18.24
CA ALA D 246 -0.57 17.04 -18.25
C ALA D 246 0.19 18.30 -17.85
N THR D 247 -0.38 19.50 -18.07
CA THR D 247 0.39 20.75 -17.91
C THR D 247 -0.04 21.62 -16.73
N ILE D 248 -1.28 21.49 -16.28
CA ILE D 248 -1.74 22.27 -15.14
C ILE D 248 -1.69 21.49 -13.84
N TYR D 249 -1.91 20.17 -13.90
CA TYR D 249 -2.01 19.35 -12.69
C TYR D 249 -0.73 18.63 -12.23
N THR D 250 0.33 18.71 -13.02
CA THR D 250 1.57 18.00 -12.73
C THR D 250 2.76 18.83 -12.20
N VAL D 251 2.54 20.08 -11.80
CA VAL D 251 3.69 20.92 -11.37
C VAL D 251 4.23 20.60 -9.95
N GLY D 252 3.35 20.41 -8.99
CA GLY D 252 3.75 20.20 -7.58
C GLY D 252 4.92 19.28 -7.25
N GLN D 253 5.01 18.12 -7.91
CA GLN D 253 5.96 17.07 -7.52
C GLN D 253 5.37 16.31 -6.34
N HIS D 254 4.10 16.59 -6.07
CA HIS D 254 3.35 16.00 -4.97
C HIS D 254 1.98 15.59 -5.54
N GLY D 255 1.28 14.70 -4.83
CA GLY D 255 -0.06 14.27 -5.26
C GLY D 255 -1.00 15.48 -5.35
N SER D 256 -0.71 16.45 -4.47
CA SER D 256 -1.47 17.70 -4.34
C SER D 256 -1.09 18.81 -5.35
N SER D 257 -0.34 18.41 -6.37
CA SER D 257 -0.07 19.28 -7.49
C SER D 257 -1.36 19.70 -8.21
N TYR D 258 -2.35 18.82 -8.22
CA TYR D 258 -3.61 19.10 -8.91
C TYR D 258 -4.30 20.34 -8.30
N LEU D 259 -4.44 20.35 -6.99
CA LEU D 259 -5.08 21.42 -6.28
C LEU D 259 -4.28 22.71 -6.37
N LYS D 260 -3.00 22.65 -6.05
CA LYS D 260 -2.16 23.82 -6.16
C LYS D 260 -2.17 24.37 -7.57
N GLY D 261 -2.10 23.52 -8.59
CA GLY D 261 -2.11 24.02 -9.99
C GLY D 261 -3.43 24.62 -10.40
N LEU D 262 -4.51 23.96 -10.03
CA LEU D 262 -5.81 24.46 -10.31
C LEU D 262 -6.06 25.84 -9.66
N LYS D 263 -5.77 26.00 -8.38
CA LYS D 263 -5.99 27.31 -7.74
C LYS D 263 -5.07 28.38 -8.30
N CYS D 264 -3.83 28.00 -8.63
CA CYS D 264 -2.89 28.92 -9.24
C CYS D 264 -3.45 29.44 -10.56
N ALA D 265 -3.95 28.54 -11.41
CA ALA D 265 -4.56 28.96 -12.69
C ALA D 265 -5.77 29.83 -12.46
N LEU D 266 -6.63 29.48 -11.51
CA LEU D 266 -7.80 30.30 -11.23
C LEU D 266 -7.41 31.76 -10.88
N SER D 267 -6.30 31.95 -10.16
CA SER D 267 -5.89 33.32 -9.80
C SER D 267 -5.31 34.01 -11.03
N LEU D 268 -4.58 33.26 -11.84
CA LEU D 268 -3.99 33.81 -13.05
C LEU D 268 -5.04 34.14 -14.11
N LEU D 269 -6.18 33.50 -14.01
CA LEU D 269 -7.36 33.79 -14.83
C LEU D 269 -8.23 34.93 -14.27
N GLY D 270 -7.87 35.49 -13.13
CA GLY D 270 -8.58 36.62 -12.54
C GLY D 270 -9.81 36.20 -11.74
N ILE D 271 -9.97 34.90 -11.46
CA ILE D 271 -11.24 34.44 -10.91
C ILE D 271 -11.30 34.49 -9.38
N CYS D 272 -10.30 33.94 -8.73
CA CYS D 272 -10.28 33.93 -7.26
C CYS D 272 -8.85 33.71 -6.76
N SER D 273 -8.68 33.84 -5.46
CA SER D 273 -7.43 33.60 -4.77
C SER D 273 -6.86 32.17 -4.97
N ASP D 274 -5.55 32.11 -5.10
CA ASP D 274 -4.85 30.85 -5.32
C ASP D 274 -4.46 30.13 -4.04
N TYR D 275 -4.82 30.71 -2.89
CA TYR D 275 -4.25 30.24 -1.65
C TYR D 275 -4.82 28.90 -1.25
N VAL D 276 -3.91 27.98 -0.95
CA VAL D 276 -4.18 26.62 -0.45
C VAL D 276 -3.92 26.60 1.05
N ALA D 277 -4.84 26.07 1.85
CA ALA D 277 -4.69 26.12 3.31
C ALA D 277 -3.55 25.20 3.77
N ALA D 278 -2.82 25.64 4.79
CA ALA D 278 -1.98 24.77 5.59
C ALA D 278 -2.72 23.43 5.83
N PRO D 279 -2.01 22.31 5.85
CA PRO D 279 -0.58 22.14 5.98
C PRO D 279 0.25 22.30 4.69
N PHE D 280 -0.43 22.46 3.56
CA PHE D 280 0.22 22.40 2.25
C PHE D 280 1.08 23.63 1.99
N HIS D 281 2.32 23.44 1.53
CA HIS D 281 3.21 24.58 1.26
C HIS D 281 2.87 25.21 -0.10
N LYS D 282 2.82 26.53 -0.16
CA LYS D 282 2.42 27.21 -1.40
C LYS D 282 3.46 26.97 -2.51
N PHE D 283 2.98 26.96 -3.74
CA PHE D 283 3.87 27.01 -4.92
C PHE D 283 4.81 28.22 -4.80
N GLU D 284 6.09 28.02 -5.09
CA GLU D 284 7.00 29.15 -5.20
C GLU D 284 7.04 29.58 -6.67
N GLN D 285 7.83 30.61 -6.99
CA GLN D 285 7.87 31.15 -8.34
C GLN D 285 8.14 30.14 -9.48
N ARG D 286 9.09 29.22 -9.32
CA ARG D 286 9.38 28.33 -10.43
C ARG D 286 8.12 27.52 -10.87
N GLU D 287 7.34 27.06 -9.89
CA GLU D 287 6.11 26.32 -10.13
C GLU D 287 5.03 27.22 -10.70
N ARG D 288 4.84 28.40 -10.11
CA ARG D 288 3.85 29.35 -10.64
C ARG D 288 4.19 29.67 -12.10
N GLY D 289 5.50 29.83 -12.39
CA GLY D 289 5.99 30.08 -13.75
C GLY D 289 5.57 29.02 -14.76
N LYS D 290 5.61 27.76 -14.34
CA LYS D 290 5.15 26.70 -15.21
C LYS D 290 3.66 26.77 -15.44
N ILE D 291 2.88 27.08 -14.43
CA ILE D 291 1.45 27.20 -14.64
C ILE D 291 1.14 28.36 -15.61
N TRP D 292 1.82 29.49 -15.42
CA TRP D 292 1.61 30.65 -16.28
C TRP D 292 1.93 30.26 -17.75
N LYS D 293 3.06 29.60 -17.94
CA LYS D 293 3.43 29.11 -19.27
C LYS D 293 2.39 28.14 -19.83
N ALA D 294 1.89 27.21 -19.02
CA ALA D 294 0.90 26.26 -19.53
C ALA D 294 -0.36 26.96 -19.98
N LEU D 295 -0.72 28.01 -19.26
CA LEU D 295 -1.89 28.80 -19.58
C LEU D 295 -1.67 29.65 -20.82
N GLN D 296 -0.46 30.16 -21.01
CA GLN D 296 -0.18 30.92 -22.22
C GLN D 296 -0.30 30.05 -23.46
N ASN D 297 0.15 28.80 -23.35
CA ASN D 297 0.01 27.82 -24.42
C ASN D 297 -1.44 27.42 -24.75
N LEU D 298 -2.37 27.75 -23.87
CA LEU D 298 -3.79 27.51 -24.13
C LEU D 298 -4.48 28.82 -24.52
N GLY D 299 -3.72 29.82 -24.91
CA GLY D 299 -4.31 31.09 -25.36
C GLY D 299 -4.94 32.00 -24.32
N VAL D 300 -4.66 31.78 -23.03
CA VAL D 300 -5.10 32.76 -22.03
C VAL D 300 -4.31 34.05 -22.18
#